data_5DII
#
_entry.id   5DII
#
_cell.length_a   42.897
_cell.length_b   55.558
_cell.length_c   117.930
_cell.angle_alpha   83.45
_cell.angle_beta   81.22
_cell.angle_gamma   86.95
#
_symmetry.space_group_name_H-M   'P 1'
#
loop_
_entity.id
_entity.type
_entity.pdbx_description
1 polymer 'Microcompartments protein'
2 non-polymer 'IRON/SULFUR CLUSTER'
3 water water
#
_entity_poly.entity_id   1
_entity_poly.type   'polypeptide(L)'
_entity_poly.pdbx_seq_one_letter_code
;MDHAPERFDATPPAGEPDRPALGVLELTSIARGITVADAALKRAPSLLLMSRPVCSGKHLLMMRGQVAEVEESMIAAREI
AGAGSGALLDELELPYAHEQLWRFLDAPVVADAWEEDTESVIIVETATVCAAIDSADAALKTAPVVLRDMRLAIGIAGKA
FFTLTGELADVEAAAEVVRERCGARLLELACIARPVDELRGRLFF
;
_entity_poly.pdbx_strand_id   A,B,C,D,E,F
#
loop_
_chem_comp.id
_chem_comp.type
_chem_comp.name
_chem_comp.formula
SF4 non-polymer 'IRON/SULFUR CLUSTER' 'Fe4 S4'
#
# COMPACT_ATOMS: atom_id res chain seq x y z
N PRO A 5 -7.50 -26.41 -17.97
CA PRO A 5 -6.66 -25.46 -18.71
C PRO A 5 -7.41 -24.18 -19.11
N GLU A 6 -8.71 -24.30 -19.32
CA GLU A 6 -9.57 -23.13 -19.58
C GLU A 6 -9.69 -22.17 -18.39
N ARG A 7 -9.11 -22.52 -17.24
CA ARG A 7 -9.20 -21.67 -16.05
C ARG A 7 -8.55 -20.30 -16.23
N PHE A 8 -7.70 -20.17 -17.25
CA PHE A 8 -7.08 -18.90 -17.58
C PHE A 8 -7.84 -18.10 -18.64
N ASP A 9 -9.05 -18.55 -19.01
CA ASP A 9 -9.86 -17.85 -19.99
C ASP A 9 -10.21 -16.44 -19.51
N ALA A 10 -10.11 -15.45 -20.38
CA ALA A 10 -10.44 -14.08 -19.99
C ALA A 10 -11.89 -14.02 -19.54
N THR A 11 -12.78 -14.64 -20.32
CA THR A 11 -14.20 -14.70 -19.98
C THR A 11 -14.72 -16.16 -19.91
N PRO A 12 -15.70 -16.42 -19.03
CA PRO A 12 -16.29 -17.75 -18.80
C PRO A 12 -17.12 -18.27 -19.97
N PRO A 13 -17.30 -19.60 -20.09
CA PRO A 13 -18.25 -20.14 -21.07
C PRO A 13 -19.70 -19.70 -20.82
N GLU A 16 -20.25 -21.42 -16.39
CA GLU A 16 -19.32 -20.95 -15.36
C GLU A 16 -19.56 -19.46 -15.06
N PRO A 17 -19.31 -19.04 -13.81
CA PRO A 17 -19.47 -17.65 -13.40
C PRO A 17 -18.32 -16.76 -13.88
N ASP A 18 -18.52 -15.45 -13.86
CA ASP A 18 -17.47 -14.52 -14.27
C ASP A 18 -16.52 -14.37 -13.10
N ARG A 19 -15.22 -14.52 -13.36
CA ARG A 19 -14.22 -14.41 -12.31
C ARG A 19 -13.15 -13.41 -12.75
N PRO A 20 -13.48 -12.11 -12.68
CA PRO A 20 -12.60 -11.10 -13.29
C PRO A 20 -11.35 -10.68 -12.52
N ALA A 21 -11.33 -10.82 -11.20
CA ALA A 21 -10.25 -10.25 -10.39
C ALA A 21 -9.09 -11.24 -10.24
N LEU A 22 -7.88 -10.70 -10.13
CA LEU A 22 -6.67 -11.50 -10.05
C LEU A 22 -5.92 -11.16 -8.80
N GLY A 23 -5.48 -12.19 -8.08
CA GLY A 23 -4.60 -12.02 -6.94
C GLY A 23 -3.35 -12.82 -7.25
N VAL A 24 -2.19 -12.24 -6.97
CA VAL A 24 -0.91 -12.89 -7.17
C VAL A 24 -0.11 -12.69 -5.91
N LEU A 25 0.54 -13.77 -5.43
CA LEU A 25 1.41 -13.72 -4.28
C LEU A 25 2.74 -14.36 -4.68
N GLU A 26 3.81 -13.70 -4.29
CA GLU A 26 5.16 -14.07 -4.67
C GLU A 26 5.92 -14.30 -3.38
N LEU A 27 6.19 -15.56 -3.07
CA LEU A 27 6.74 -15.93 -1.78
C LEU A 27 8.14 -16.52 -1.87
N THR A 28 8.92 -16.28 -0.84
CA THR A 28 10.29 -16.77 -0.76
C THR A 28 10.40 -18.23 -0.32
N SER A 29 9.29 -18.78 0.15
CA SER A 29 9.23 -20.15 0.69
C SER A 29 8.13 -20.95 0.02
N ILE A 30 8.51 -22.11 -0.50
CA ILE A 30 7.56 -23.01 -1.13
C ILE A 30 6.59 -23.58 -0.07
N ALA A 31 7.15 -23.97 1.08
CA ALA A 31 6.34 -24.51 2.16
C ALA A 31 5.32 -23.47 2.60
N ARG A 32 5.75 -22.24 2.82
CA ARG A 32 4.82 -21.17 3.17
C ARG A 32 3.77 -20.98 2.10
N GLY A 33 4.18 -21.07 0.83
CA GLY A 33 3.30 -20.91 -0.30
C GLY A 33 2.08 -21.79 -0.27
N ILE A 34 2.31 -23.04 0.08
CA ILE A 34 1.26 -24.04 0.18
C ILE A 34 0.28 -23.68 1.30
N THR A 35 0.81 -23.21 2.44
CA THR A 35 -0.04 -22.82 3.57
C THR A 35 -0.83 -21.57 3.26
N VAL A 36 -0.21 -20.65 2.54
CA VAL A 36 -0.85 -19.42 2.10
C VAL A 36 -2.02 -19.73 1.17
N ALA A 37 -1.79 -20.62 0.21
CA ALA A 37 -2.85 -21.05 -0.68
C ALA A 37 -4.03 -21.66 0.06
N ASP A 38 -3.72 -22.56 1.00
CA ASP A 38 -4.77 -23.23 1.74
C ASP A 38 -5.67 -22.22 2.49
N ALA A 39 -5.05 -21.28 3.19
CA ALA A 39 -5.77 -20.25 3.92
C ALA A 39 -6.62 -19.35 3.00
N ALA A 40 -6.09 -19.03 1.83
CA ALA A 40 -6.74 -18.17 0.86
C ALA A 40 -7.98 -18.82 0.28
N LEU A 41 -7.90 -20.11 -0.01
CA LEU A 41 -9.03 -20.80 -0.62
C LEU A 41 -10.09 -21.20 0.43
N LYS A 42 -9.69 -21.29 1.69
CA LYS A 42 -10.66 -21.57 2.76
C LYS A 42 -11.46 -20.32 3.14
N ARG A 43 -10.83 -19.16 2.99
CA ARG A 43 -11.39 -17.90 3.45
C ARG A 43 -12.50 -17.46 2.53
N ALA A 44 -12.29 -17.66 1.24
CA ALA A 44 -13.24 -17.19 0.25
C ALA A 44 -13.17 -18.04 -1.01
N PRO A 45 -14.27 -18.11 -1.76
CA PRO A 45 -14.28 -19.07 -2.86
C PRO A 45 -13.54 -18.61 -4.15
N SER A 46 -12.36 -18.02 -3.98
CA SER A 46 -11.46 -17.75 -5.11
C SER A 46 -11.05 -19.05 -5.78
N LEU A 47 -10.75 -18.98 -7.08
CA LEU A 47 -10.30 -20.13 -7.83
C LEU A 47 -8.77 -20.11 -7.99
N LEU A 48 -8.10 -21.15 -7.53
CA LEU A 48 -6.64 -21.21 -7.64
C LEU A 48 -6.21 -21.49 -9.08
N LEU A 49 -5.33 -20.64 -9.64
CA LEU A 49 -4.86 -20.80 -11.01
C LEU A 49 -3.52 -21.53 -11.05
N MET A 50 -2.63 -21.17 -10.14
CA MET A 50 -1.36 -21.88 -10.03
C MET A 50 -0.81 -21.79 -8.62
N SER A 51 0.02 -22.79 -8.30
CA SER A 51 0.75 -22.82 -7.06
C SER A 51 2.08 -23.48 -7.41
N ARG A 52 3.08 -22.65 -7.68
CA ARG A 52 4.29 -23.07 -8.41
C ARG A 52 5.59 -22.62 -7.84
N PRO A 53 6.48 -23.57 -7.55
CA PRO A 53 7.87 -23.18 -7.34
C PRO A 53 8.38 -22.66 -8.67
N VAL A 54 9.16 -21.60 -8.64
CA VAL A 54 9.76 -21.04 -9.84
C VAL A 54 11.19 -20.62 -9.54
N CYS A 55 11.95 -20.32 -10.60
CA CYS A 55 13.36 -20.02 -10.47
C CYS A 55 13.67 -18.95 -9.45
N SER A 56 14.82 -19.18 -8.82
CA SER A 56 15.36 -18.46 -7.68
C SER A 56 14.86 -19.15 -6.41
N GLY A 57 13.92 -20.09 -6.56
CA GLY A 57 13.36 -20.81 -5.42
C GLY A 57 12.20 -20.12 -4.72
N LYS A 58 11.53 -19.19 -5.39
CA LYS A 58 10.36 -18.54 -4.82
C LYS A 58 9.15 -19.39 -5.17
N HIS A 59 7.97 -19.04 -4.61
CA HIS A 59 6.73 -19.75 -4.90
C HIS A 59 5.73 -18.72 -5.41
N LEU A 60 5.06 -19.04 -6.51
CA LEU A 60 4.14 -18.15 -7.17
C LEU A 60 2.72 -18.68 -7.02
N LEU A 61 1.86 -17.90 -6.38
CA LEU A 61 0.42 -18.18 -6.30
C LEU A 61 -0.40 -17.20 -7.13
N MET A 62 -1.29 -17.71 -7.96
CA MET A 62 -2.29 -16.86 -8.58
C MET A 62 -3.68 -17.42 -8.31
N MET A 63 -4.63 -16.50 -8.11
CA MET A 63 -6.01 -16.88 -7.92
C MET A 63 -6.86 -15.88 -8.70
N ARG A 64 -8.06 -16.31 -9.08
CA ARG A 64 -9.04 -15.39 -9.65
C ARG A 64 -10.43 -15.59 -9.02
N GLY A 65 -11.29 -14.59 -9.18
CA GLY A 65 -12.62 -14.67 -8.62
C GLY A 65 -13.34 -13.33 -8.78
N GLN A 66 -14.50 -13.21 -8.15
CA GLN A 66 -15.13 -11.92 -7.99
C GLN A 66 -14.25 -11.04 -7.13
N VAL A 67 -14.37 -9.75 -7.36
CA VAL A 67 -13.62 -8.73 -6.61
C VAL A 67 -13.63 -8.94 -5.12
N ALA A 68 -14.81 -9.18 -4.54
CA ALA A 68 -14.95 -9.30 -3.11
C ALA A 68 -14.26 -10.58 -2.61
N GLU A 69 -14.35 -11.63 -3.43
CA GLU A 69 -13.74 -12.93 -3.13
C GLU A 69 -12.22 -12.88 -3.10
N VAL A 70 -11.62 -12.34 -4.17
CA VAL A 70 -10.17 -12.23 -4.23
C VAL A 70 -9.72 -11.30 -3.10
N GLU A 71 -10.50 -10.27 -2.84
CA GLU A 71 -10.15 -9.33 -1.77
C GLU A 71 -9.99 -10.04 -0.41
N GLU A 72 -10.92 -10.93 -0.11
CA GLU A 72 -10.92 -11.65 1.17
C GLU A 72 -9.86 -12.75 1.20
N SER A 73 -9.76 -13.53 0.12
CA SER A 73 -8.71 -14.53 0.01
C SER A 73 -7.33 -13.90 0.18
N MET A 74 -7.13 -12.72 -0.42
CA MET A 74 -5.84 -12.05 -0.33
C MET A 74 -5.55 -11.54 1.09
N ILE A 75 -6.59 -11.10 1.81
CA ILE A 75 -6.39 -10.70 3.20
C ILE A 75 -5.84 -11.86 4.04
N ALA A 76 -6.43 -13.03 3.87
CA ALA A 76 -6.02 -14.22 4.60
C ALA A 76 -4.62 -14.63 4.15
N ALA A 77 -4.35 -14.52 2.85
CA ALA A 77 -3.04 -14.89 2.31
C ALA A 77 -1.92 -14.09 2.96
N ARG A 78 -2.13 -12.78 3.08
CA ARG A 78 -1.13 -11.87 3.66
C ARG A 78 -0.81 -12.18 5.12
N GLU A 79 -1.83 -12.51 5.91
CA GLU A 79 -1.63 -12.81 7.32
C GLU A 79 -0.69 -13.99 7.46
N ILE A 80 -0.96 -15.05 6.72
CA ILE A 80 -0.13 -16.25 6.77
C ILE A 80 1.24 -15.96 6.13
N ALA A 81 1.25 -15.30 4.99
CA ALA A 81 2.50 -15.01 4.29
C ALA A 81 3.44 -14.18 5.18
N GLY A 82 2.85 -13.32 6.00
CA GLY A 82 3.62 -12.40 6.82
C GLY A 82 3.97 -12.97 8.19
N ALA A 83 3.54 -14.20 8.43
CA ALA A 83 3.79 -14.85 9.71
C ALA A 83 5.29 -15.05 9.94
N GLY A 84 5.71 -14.94 11.21
CA GLY A 84 7.11 -15.10 11.57
C GLY A 84 8.04 -14.08 10.95
N SER A 85 9.10 -14.56 10.32
CA SER A 85 10.04 -13.67 9.64
C SER A 85 9.44 -13.12 8.35
N GLY A 86 8.27 -13.63 7.98
CA GLY A 86 7.62 -13.22 6.75
C GLY A 86 8.25 -13.80 5.49
N ALA A 87 7.40 -14.13 4.51
CA ALA A 87 7.82 -14.74 3.27
C ALA A 87 7.27 -14.07 2.03
N LEU A 88 6.54 -12.96 2.19
CA LEU A 88 5.94 -12.29 1.04
C LEU A 88 6.90 -11.31 0.39
N LEU A 89 7.31 -11.63 -0.84
CA LEU A 89 8.23 -10.76 -1.58
C LEU A 89 7.47 -9.68 -2.32
N ASP A 90 6.37 -10.06 -2.95
CA ASP A 90 5.54 -9.11 -3.64
C ASP A 90 4.11 -9.66 -3.77
N GLU A 91 3.18 -8.76 -4.08
CA GLU A 91 1.81 -9.13 -4.33
C GLU A 91 1.13 -8.21 -5.35
N LEU A 92 0.03 -8.70 -5.89
CA LEU A 92 -0.79 -7.94 -6.82
C LEU A 92 -2.25 -8.30 -6.56
N GLU A 93 -3.09 -7.28 -6.51
CA GLU A 93 -4.53 -7.47 -6.50
C GLU A 93 -5.17 -6.52 -7.53
N LEU A 94 -5.83 -7.10 -8.53
CA LEU A 94 -6.50 -6.35 -9.60
C LEU A 94 -8.01 -6.61 -9.63
N PRO A 95 -8.84 -5.56 -9.50
CA PRO A 95 -10.28 -5.85 -9.56
C PRO A 95 -10.64 -6.52 -10.89
N TYR A 96 -9.82 -6.21 -11.88
CA TYR A 96 -10.07 -6.53 -13.25
C TYR A 96 -8.72 -6.68 -13.99
N ALA A 97 -8.35 -7.85 -14.49
CA ALA A 97 -7.12 -7.98 -15.29
C ALA A 97 -7.43 -7.80 -16.78
N HIS A 98 -6.62 -7.00 -17.48
CA HIS A 98 -6.88 -6.75 -18.89
C HIS A 98 -6.95 -8.07 -19.67
N GLU A 99 -7.94 -8.16 -20.56
CA GLU A 99 -8.18 -9.37 -21.34
C GLU A 99 -6.94 -9.97 -22.01
N GLN A 100 -6.03 -9.13 -22.51
CA GLN A 100 -4.86 -9.62 -23.22
C GLN A 100 -3.92 -10.40 -22.29
N LEU A 101 -3.94 -10.02 -21.02
CA LEU A 101 -3.02 -10.54 -20.02
C LEU A 101 -3.26 -12.00 -19.63
N TRP A 102 -4.53 -12.42 -19.64
CA TRP A 102 -4.87 -13.74 -19.15
C TRP A 102 -4.09 -14.87 -19.83
N ARG A 103 -3.88 -14.78 -21.15
CA ARG A 103 -3.21 -15.89 -21.86
C ARG A 103 -1.69 -15.92 -21.67
N PHE A 104 -1.14 -14.93 -20.98
CA PHE A 104 0.30 -14.86 -20.73
C PHE A 104 0.70 -15.30 -19.32
N LEU A 105 -0.28 -15.64 -18.48
CA LEU A 105 0.01 -15.95 -17.09
C LEU A 105 0.63 -17.34 -16.89
N ASP A 106 0.15 -18.32 -17.65
CA ASP A 106 0.45 -19.71 -17.35
C ASP A 106 1.86 -20.13 -17.78
N ALA A 107 2.33 -19.59 -18.90
CA ALA A 107 3.63 -19.98 -19.43
C ALA A 107 4.29 -18.85 -20.22
N PRO A 108 5.62 -18.91 -20.37
CA PRO A 108 6.37 -17.98 -21.21
C PRO A 108 5.80 -17.95 -22.62
N VAL A 109 5.75 -16.76 -23.22
CA VAL A 109 5.24 -16.61 -24.58
C VAL A 109 6.23 -15.80 -25.42
N VAL A 110 6.58 -16.32 -26.59
CA VAL A 110 7.38 -15.60 -27.58
C VAL A 110 6.53 -15.42 -28.84
N ALA A 111 6.42 -14.19 -29.29
CA ALA A 111 5.62 -13.84 -30.48
C ALA A 111 6.28 -14.25 -31.80
N ASP A 112 5.46 -14.65 -32.76
CA ASP A 112 5.94 -15.00 -34.10
C ASP A 112 6.01 -13.76 -34.99
N ALA A 113 5.07 -12.84 -34.82
CA ALA A 113 4.99 -11.64 -35.65
C ALA A 113 4.23 -10.52 -34.94
N GLU A 119 5.27 0.91 -36.35
CA GLU A 119 5.26 -0.33 -35.53
C GLU A 119 6.48 -0.39 -34.58
N SER A 120 6.32 0.12 -33.36
CA SER A 120 7.36 0.17 -32.35
C SER A 120 7.19 -0.80 -31.14
N VAL A 121 8.23 -0.98 -30.35
CA VAL A 121 8.18 -1.91 -29.21
C VAL A 121 8.86 -1.32 -27.99
N ILE A 122 8.32 -1.63 -26.80
CA ILE A 122 9.09 -1.44 -25.58
C ILE A 122 9.26 -2.77 -24.86
N ILE A 123 10.42 -2.91 -24.23
CA ILE A 123 10.77 -4.12 -23.49
C ILE A 123 10.93 -3.71 -22.04
N VAL A 124 10.15 -4.33 -21.17
CA VAL A 124 10.10 -3.98 -19.75
C VAL A 124 10.66 -5.13 -18.97
N GLU A 125 11.59 -4.82 -18.09
CA GLU A 125 12.30 -5.81 -17.30
C GLU A 125 12.20 -5.49 -15.83
N THR A 126 11.61 -6.41 -15.06
CA THR A 126 11.33 -6.13 -13.66
C THR A 126 11.94 -7.14 -12.68
N ALA A 127 12.11 -6.67 -11.44
CA ALA A 127 12.70 -7.45 -10.36
C ALA A 127 11.77 -8.54 -9.83
N THR A 128 10.46 -8.36 -9.96
CA THR A 128 9.48 -9.34 -9.51
C THR A 128 8.47 -9.69 -10.60
N VAL A 129 7.84 -10.86 -10.46
CA VAL A 129 6.74 -11.25 -11.33
C VAL A 129 5.55 -10.31 -11.19
N CYS A 130 5.19 -9.97 -9.94
CA CYS A 130 4.07 -9.09 -9.73
C CYS A 130 4.27 -7.74 -10.45
N ALA A 131 5.49 -7.19 -10.42
CA ALA A 131 5.78 -5.90 -11.08
C ALA A 131 5.47 -5.96 -12.59
N ALA A 132 5.84 -7.08 -13.19
CA ALA A 132 5.58 -7.31 -14.60
C ALA A 132 4.09 -7.33 -14.89
N ILE A 133 3.31 -8.08 -14.11
CA ILE A 133 1.89 -8.24 -14.37
C ILE A 133 1.15 -6.91 -14.12
N ASP A 134 1.57 -6.24 -13.06
CA ASP A 134 1.02 -5.00 -12.58
C ASP A 134 1.21 -3.91 -13.64
N SER A 135 2.44 -3.80 -14.12
CA SER A 135 2.89 -2.89 -15.19
C SER A 135 2.15 -3.08 -16.49
N ALA A 136 2.13 -4.33 -16.94
CA ALA A 136 1.51 -4.68 -18.19
C ALA A 136 0.03 -4.36 -18.15
N ASP A 137 -0.62 -4.72 -17.04
CA ASP A 137 -2.06 -4.45 -16.92
C ASP A 137 -2.38 -2.95 -17.07
N ALA A 138 -1.68 -2.12 -16.31
CA ALA A 138 -1.83 -0.71 -16.34
C ALA A 138 -1.60 -0.10 -17.72
N ALA A 139 -0.51 -0.55 -18.34
CA ALA A 139 -0.16 -0.10 -19.66
C ALA A 139 -1.23 -0.49 -20.64
N LEU A 140 -1.73 -1.70 -20.53
CA LEU A 140 -2.73 -2.17 -21.48
C LEU A 140 -4.02 -1.38 -21.30
N LYS A 141 -4.24 -0.90 -20.07
CA LYS A 141 -5.48 -0.17 -19.79
C LYS A 141 -5.38 1.33 -20.16
N THR A 142 -4.14 1.84 -20.28
CA THR A 142 -3.90 3.25 -20.52
C THR A 142 -3.64 3.59 -21.98
N ALA A 143 -2.88 2.72 -22.66
CA ALA A 143 -2.43 3.01 -24.02
C ALA A 143 -2.86 1.90 -24.97
N PRO A 144 -3.05 2.23 -26.25
CA PRO A 144 -3.48 1.23 -27.24
C PRO A 144 -2.29 0.38 -27.71
N VAL A 145 -1.81 -0.44 -26.78
CA VAL A 145 -0.69 -1.33 -27.04
C VAL A 145 -1.10 -2.79 -27.01
N VAL A 146 -0.23 -3.63 -27.57
CA VAL A 146 -0.43 -5.07 -27.60
C VAL A 146 0.72 -5.80 -26.91
N LEU A 147 0.35 -6.63 -25.94
CA LEU A 147 1.32 -7.50 -25.25
C LEU A 147 1.74 -8.63 -26.19
N ARG A 148 3.05 -8.73 -26.45
CA ARG A 148 3.56 -9.71 -27.41
C ARG A 148 4.36 -10.84 -26.76
N ASP A 149 5.30 -10.48 -25.90
CA ASP A 149 6.15 -11.47 -25.22
C ASP A 149 6.03 -11.31 -23.71
N MET A 150 6.15 -12.41 -22.99
CA MET A 150 6.25 -12.32 -21.55
C MET A 150 6.95 -13.57 -21.02
N ARG A 151 7.75 -13.37 -19.99
CA ARG A 151 8.37 -14.47 -19.28
C ARG A 151 8.39 -14.08 -17.82
N LEU A 152 7.76 -14.91 -16.99
CA LEU A 152 7.67 -14.70 -15.56
C LEU A 152 8.55 -15.70 -14.80
N ALA A 153 9.63 -15.20 -14.20
CA ALA A 153 10.53 -15.95 -13.32
C ALA A 153 11.39 -17.05 -13.98
N ILE A 154 10.77 -17.94 -14.72
CA ILE A 154 11.42 -19.18 -15.15
C ILE A 154 12.59 -18.96 -16.12
N GLY A 155 13.76 -19.45 -15.72
CA GLY A 155 14.94 -19.34 -16.55
C GLY A 155 15.66 -18.02 -16.43
N ILE A 156 15.09 -17.09 -15.66
CA ILE A 156 15.71 -15.80 -15.46
C ILE A 156 15.77 -15.40 -13.99
N ALA A 157 16.00 -16.39 -13.14
CA ALA A 157 16.37 -16.13 -11.75
C ALA A 157 15.33 -15.27 -11.02
N GLY A 158 14.07 -15.44 -11.39
CA GLY A 158 13.00 -14.77 -10.69
C GLY A 158 12.59 -13.40 -11.19
N LYS A 159 13.36 -12.77 -12.09
CA LYS A 159 12.87 -11.52 -12.67
C LYS A 159 11.78 -11.83 -13.68
N ALA A 160 11.24 -10.79 -14.31
CA ALA A 160 10.25 -10.94 -15.34
C ALA A 160 10.48 -9.91 -16.44
N PHE A 161 10.01 -10.21 -17.63
CA PHE A 161 9.97 -9.20 -18.68
C PHE A 161 8.77 -9.39 -19.57
N PHE A 162 8.42 -8.32 -20.30
CA PHE A 162 7.37 -8.40 -21.30
C PHE A 162 7.61 -7.34 -22.35
N THR A 163 6.94 -7.53 -23.48
CA THR A 163 7.02 -6.58 -24.59
C THR A 163 5.64 -6.03 -24.94
N LEU A 164 5.60 -4.75 -25.30
CA LEU A 164 4.37 -4.07 -25.72
C LEU A 164 4.66 -3.42 -27.06
N THR A 165 3.77 -3.60 -28.04
CA THR A 165 3.93 -2.92 -29.33
C THR A 165 2.77 -1.96 -29.64
N GLY A 166 3.04 -1.06 -30.57
CA GLY A 166 2.08 -0.07 -30.99
C GLY A 166 2.86 1.01 -31.73
N GLU A 167 2.20 2.12 -31.99
CA GLU A 167 2.86 3.29 -32.55
C GLU A 167 3.77 3.86 -31.48
N LEU A 168 4.82 4.56 -31.89
CA LEU A 168 5.76 5.12 -30.95
C LEU A 168 5.06 5.91 -29.85
N ALA A 169 4.09 6.76 -30.18
CA ALA A 169 3.41 7.51 -29.14
C ALA A 169 2.69 6.56 -28.18
N ASP A 170 2.16 5.45 -28.72
CA ASP A 170 1.46 4.46 -27.89
C ASP A 170 2.38 3.85 -26.84
N VAL A 171 3.55 3.37 -27.28
CA VAL A 171 4.45 2.68 -26.35
C VAL A 171 5.14 3.68 -25.45
N GLU A 172 5.23 4.93 -25.90
CA GLU A 172 5.79 5.97 -25.03
C GLU A 172 4.81 6.26 -23.91
N ALA A 173 3.53 6.26 -24.25
CA ALA A 173 2.47 6.46 -23.27
C ALA A 173 2.49 5.29 -22.27
N ALA A 174 2.55 4.08 -22.80
CA ALA A 174 2.66 2.87 -21.99
C ALA A 174 3.84 2.93 -21.01
N ALA A 175 4.99 3.38 -21.52
CA ALA A 175 6.23 3.40 -20.75
C ALA A 175 6.15 4.27 -19.52
N GLU A 176 5.51 5.44 -19.65
CA GLU A 176 5.32 6.31 -18.50
C GLU A 176 4.50 5.61 -17.41
N VAL A 177 3.45 4.89 -17.81
CA VAL A 177 2.59 4.18 -16.86
C VAL A 177 3.38 3.04 -16.20
N VAL A 178 4.21 2.36 -16.99
CA VAL A 178 5.02 1.26 -16.51
C VAL A 178 5.94 1.74 -15.41
N ARG A 179 6.64 2.85 -15.67
CA ARG A 179 7.52 3.45 -14.66
C ARG A 179 6.79 3.78 -13.37
N GLU A 180 5.61 4.37 -13.49
CA GLU A 180 4.85 4.76 -12.32
C GLU A 180 4.48 3.55 -11.47
N ARG A 181 3.92 2.52 -12.10
CA ARG A 181 3.49 1.35 -11.35
C ARG A 181 4.65 0.48 -10.82
N CYS A 182 5.76 0.36 -11.55
CA CYS A 182 6.86 -0.49 -11.08
C CYS A 182 7.60 0.11 -9.89
N GLY A 183 7.77 1.43 -9.91
CA GLY A 183 8.68 2.09 -8.99
C GLY A 183 10.06 1.46 -9.09
N ALA A 184 10.68 1.20 -7.95
CA ALA A 184 12.03 0.66 -7.89
C ALA A 184 12.10 -0.79 -8.37
N ARG A 185 10.95 -1.39 -8.68
CA ARG A 185 10.94 -2.75 -9.21
C ARG A 185 11.31 -2.79 -10.70
N LEU A 186 11.29 -1.64 -11.37
CA LEU A 186 11.69 -1.58 -12.76
C LEU A 186 13.21 -1.65 -12.81
N LEU A 187 13.71 -2.62 -13.57
CA LEU A 187 15.17 -2.80 -13.75
C LEU A 187 15.63 -2.04 -14.98
N GLU A 188 14.89 -2.20 -16.06
CA GLU A 188 15.25 -1.58 -17.32
C GLU A 188 14.06 -1.52 -18.24
N LEU A 189 13.93 -0.42 -18.96
CA LEU A 189 12.91 -0.30 -19.98
C LEU A 189 13.57 0.24 -21.22
N ALA A 190 13.36 -0.44 -22.33
CA ALA A 190 14.00 -0.07 -23.57
C ALA A 190 12.95 0.15 -24.60
N CYS A 191 13.17 1.15 -25.43
CA CYS A 191 12.28 1.43 -26.54
C CYS A 191 13.02 1.30 -27.86
N ILE A 192 12.44 0.52 -28.77
CA ILE A 192 12.97 0.42 -30.11
C ILE A 192 11.88 0.83 -31.11
N ALA A 193 12.09 2.00 -31.70
CA ALA A 193 11.13 2.61 -32.60
C ALA A 193 10.98 1.82 -33.91
N ARG A 194 12.08 1.30 -34.46
CA ARG A 194 11.98 0.48 -35.67
C ARG A 194 12.94 -0.70 -35.56
N PRO A 195 12.46 -1.80 -34.96
CA PRO A 195 13.34 -2.97 -34.83
C PRO A 195 13.78 -3.53 -36.19
N VAL A 196 15.02 -4.01 -36.27
CA VAL A 196 15.57 -4.65 -37.47
C VAL A 196 14.73 -5.84 -37.97
N ASP A 197 14.90 -6.17 -39.25
CA ASP A 197 14.17 -7.29 -39.85
C ASP A 197 14.41 -8.60 -39.09
N GLU A 198 15.63 -8.81 -38.64
CA GLU A 198 16.01 -10.03 -37.93
C GLU A 198 15.32 -10.08 -36.55
N LEU A 199 14.99 -8.91 -36.03
CA LEU A 199 14.31 -8.74 -34.75
C LEU A 199 12.79 -8.57 -34.95
N ARG A 200 12.38 -8.26 -36.18
CA ARG A 200 10.96 -8.03 -36.52
C ARG A 200 10.09 -9.22 -36.14
N GLY A 201 9.07 -8.96 -35.34
CA GLY A 201 8.16 -10.00 -34.94
C GLY A 201 8.71 -10.78 -33.77
N ARG A 202 9.86 -11.41 -34.00
CA ARG A 202 10.55 -12.19 -32.98
C ARG A 202 11.82 -11.51 -32.47
N LEU A 203 11.83 -11.25 -31.16
CA LEU A 203 12.91 -10.57 -30.47
C LEU A 203 13.82 -11.55 -29.74
N PHE A 204 13.29 -12.73 -29.42
CA PHE A 204 13.99 -13.72 -28.62
C PHE A 204 14.06 -15.03 -29.39
N PHE A 205 15.26 -15.55 -29.60
CA PHE A 205 15.43 -16.80 -30.32
C PHE A 205 16.84 -17.38 -30.17
N GLU B 6 21.14 -24.06 -38.88
CA GLU B 6 21.17 -23.21 -40.07
C GLU B 6 22.34 -22.25 -39.92
N ARG B 7 22.02 -21.16 -39.23
CA ARG B 7 22.94 -20.08 -38.95
C ARG B 7 24.12 -20.54 -38.08
N PHE B 8 24.02 -21.73 -37.49
CA PHE B 8 25.10 -22.27 -36.68
C PHE B 8 26.05 -23.20 -37.44
N ASP B 9 25.90 -23.32 -38.75
CA ASP B 9 26.78 -24.20 -39.53
C ASP B 9 28.25 -23.82 -39.52
N ALA B 10 29.12 -24.82 -39.37
CA ALA B 10 30.56 -24.62 -39.38
C ALA B 10 31.03 -24.04 -40.72
N THR B 11 30.51 -24.59 -41.81
CA THR B 11 30.82 -24.12 -43.16
C THR B 11 29.52 -23.67 -43.82
N PRO B 12 29.59 -22.76 -44.80
CA PRO B 12 28.33 -22.18 -45.26
C PRO B 12 27.37 -23.20 -45.89
N PRO B 13 26.07 -23.02 -45.68
CA PRO B 13 25.08 -23.79 -46.44
C PRO B 13 25.20 -23.42 -47.92
N ALA B 14 24.66 -24.25 -48.82
CA ALA B 14 24.78 -23.99 -50.24
C ALA B 14 24.34 -22.57 -50.56
N GLY B 15 25.23 -21.83 -51.23
CA GLY B 15 24.94 -20.50 -51.71
C GLY B 15 25.31 -19.35 -50.80
N GLU B 16 25.62 -19.62 -49.53
CA GLU B 16 25.88 -18.54 -48.59
C GLU B 16 27.35 -18.13 -48.55
N PRO B 17 27.61 -16.85 -48.27
CA PRO B 17 29.01 -16.39 -48.20
C PRO B 17 29.63 -16.90 -46.92
N ASP B 18 30.95 -16.88 -46.85
CA ASP B 18 31.64 -17.40 -45.70
C ASP B 18 31.50 -16.38 -44.58
N ARG B 19 31.08 -16.85 -43.42
CA ARG B 19 30.90 -15.99 -42.24
C ARG B 19 31.61 -16.64 -41.06
N PRO B 20 32.95 -16.59 -41.05
CA PRO B 20 33.76 -17.34 -40.11
C PRO B 20 33.83 -16.70 -38.73
N ALA B 21 33.53 -15.41 -38.65
CA ALA B 21 33.74 -14.68 -37.42
C ALA B 21 32.51 -14.81 -36.54
N LEU B 22 32.76 -14.87 -35.24
CA LEU B 22 31.74 -15.01 -34.20
C LEU B 22 31.89 -13.84 -33.25
N GLY B 23 30.76 -13.20 -32.92
CA GLY B 23 30.74 -12.20 -31.89
C GLY B 23 29.74 -12.67 -30.82
N VAL B 24 30.11 -12.55 -29.56
CA VAL B 24 29.26 -12.95 -28.46
C VAL B 24 29.22 -11.81 -27.46
N LEU B 25 28.01 -11.46 -26.99
CA LEU B 25 27.85 -10.44 -25.95
C LEU B 25 27.01 -11.04 -24.82
N GLU B 26 27.45 -10.79 -23.60
CA GLU B 26 26.85 -11.37 -22.42
C GLU B 26 26.44 -10.20 -21.54
N LEU B 27 25.13 -9.96 -21.45
CA LEU B 27 24.61 -8.76 -20.81
C LEU B 27 23.80 -9.04 -19.52
N THR B 28 23.85 -8.10 -18.58
CA THR B 28 23.12 -8.24 -17.31
C THR B 28 21.64 -7.90 -17.42
N SER B 29 21.24 -7.30 -18.54
CA SER B 29 19.86 -6.86 -18.76
C SER B 29 19.33 -7.39 -20.09
N ILE B 30 18.17 -8.03 -20.02
CA ILE B 30 17.50 -8.55 -21.19
C ILE B 30 17.02 -7.40 -22.09
N ALA B 31 16.46 -6.35 -21.46
CA ALA B 31 15.98 -5.18 -22.19
C ALA B 31 17.15 -4.51 -22.91
N ARG B 32 18.26 -4.33 -22.20
CA ARG B 32 19.49 -3.78 -22.81
C ARG B 32 19.98 -4.65 -23.95
N GLY B 33 19.94 -5.96 -23.76
CA GLY B 33 20.36 -6.94 -24.75
C GLY B 33 19.63 -6.78 -26.08
N ILE B 34 18.33 -6.54 -26.02
CA ILE B 34 17.53 -6.37 -27.24
C ILE B 34 17.98 -5.14 -28.02
N THR B 35 18.26 -4.06 -27.30
CA THR B 35 18.68 -2.81 -27.89
C THR B 35 20.10 -2.93 -28.44
N VAL B 36 20.94 -3.66 -27.73
CA VAL B 36 22.32 -3.95 -28.18
C VAL B 36 22.28 -4.72 -29.49
N ALA B 37 21.43 -5.74 -29.55
CA ALA B 37 21.27 -6.50 -30.79
C ALA B 37 20.83 -5.60 -31.94
N ASP B 38 19.85 -4.74 -31.69
CA ASP B 38 19.33 -3.83 -32.70
C ASP B 38 20.44 -2.94 -33.24
N ALA B 39 21.23 -2.35 -32.35
CA ALA B 39 22.33 -1.48 -32.74
C ALA B 39 23.40 -2.22 -33.58
N ALA B 40 23.68 -3.46 -33.18
CA ALA B 40 24.71 -4.26 -33.81
C ALA B 40 24.33 -4.57 -35.24
N LEU B 41 23.06 -4.91 -35.45
CA LEU B 41 22.59 -5.36 -36.74
C LEU B 41 22.31 -4.23 -37.69
N LYS B 42 22.07 -3.04 -37.16
CA LYS B 42 21.89 -1.85 -38.00
C LYS B 42 23.22 -1.26 -38.47
N ARG B 43 24.28 -1.48 -37.68
CA ARG B 43 25.60 -0.93 -37.98
C ARG B 43 26.29 -1.71 -39.11
N ALA B 44 26.15 -3.03 -39.11
CA ALA B 44 26.78 -3.87 -40.12
C ALA B 44 25.94 -5.12 -40.35
N PRO B 45 26.00 -5.69 -41.56
CA PRO B 45 25.11 -6.80 -41.92
C PRO B 45 25.54 -8.17 -41.34
N SER B 46 25.93 -8.17 -40.08
CA SER B 46 26.14 -9.41 -39.36
C SER B 46 24.85 -10.20 -39.27
N LEU B 47 25.00 -11.51 -39.16
CA LEU B 47 23.88 -12.43 -39.01
C LEU B 47 23.64 -12.75 -37.54
N LEU B 48 22.44 -12.45 -37.04
CA LEU B 48 22.12 -12.71 -35.64
C LEU B 48 21.89 -14.20 -35.42
N LEU B 49 22.61 -14.81 -34.48
CA LEU B 49 22.46 -16.24 -34.23
C LEU B 49 21.52 -16.54 -33.08
N MET B 50 21.62 -15.74 -32.03
CA MET B 50 20.70 -15.88 -30.92
C MET B 50 20.63 -14.57 -30.17
N SER B 51 19.51 -14.39 -29.49
CA SER B 51 19.27 -13.27 -28.59
C SER B 51 18.36 -13.83 -27.50
N ARG B 52 18.97 -14.26 -26.38
CA ARG B 52 18.37 -15.17 -25.42
C ARG B 52 18.54 -14.81 -23.97
N PRO B 53 17.42 -14.71 -23.24
CA PRO B 53 17.61 -14.73 -21.79
C PRO B 53 18.12 -16.10 -21.39
N VAL B 54 19.01 -16.14 -20.41
CA VAL B 54 19.54 -17.42 -19.93
C VAL B 54 19.63 -17.34 -18.43
N CYS B 55 19.84 -18.49 -17.80
CA CYS B 55 19.87 -18.54 -16.34
C CYS B 55 20.84 -17.57 -15.71
N SER B 56 20.36 -17.11 -14.56
CA SER B 56 20.94 -16.06 -13.73
C SER B 56 20.27 -14.76 -14.15
N GLY B 57 19.50 -14.81 -15.24
CA GLY B 57 18.82 -13.64 -15.76
C GLY B 57 19.65 -12.77 -16.68
N LYS B 58 20.68 -13.36 -17.28
CA LYS B 58 21.52 -12.67 -18.25
C LYS B 58 20.92 -12.73 -19.62
N HIS B 59 21.47 -11.97 -20.56
CA HIS B 59 21.03 -12.03 -21.92
C HIS B 59 22.23 -12.37 -22.80
N LEU B 60 22.05 -13.36 -23.66
CA LEU B 60 23.11 -13.86 -24.51
C LEU B 60 22.83 -13.51 -25.96
N LEU B 61 23.75 -12.74 -26.53
CA LEU B 61 23.72 -12.40 -27.96
C LEU B 61 24.88 -13.05 -28.68
N MET B 62 24.60 -13.75 -29.77
CA MET B 62 25.65 -14.21 -30.69
C MET B 62 25.34 -13.76 -32.11
N MET B 63 26.40 -13.40 -32.84
CA MET B 63 26.29 -13.05 -34.24
C MET B 63 27.46 -13.63 -35.02
N ARG B 64 27.28 -13.79 -36.33
CA ARG B 64 28.41 -14.15 -37.19
C ARG B 64 28.40 -13.33 -38.46
N GLY B 65 29.53 -13.32 -39.14
CA GLY B 65 29.66 -12.57 -40.37
C GLY B 65 31.09 -12.65 -40.80
N GLN B 66 31.40 -11.84 -41.81
CA GLN B 66 32.77 -11.57 -42.20
C GLN B 66 33.45 -10.88 -41.04
N VAL B 67 34.75 -11.02 -40.95
CA VAL B 67 35.51 -10.36 -39.91
C VAL B 67 35.18 -8.87 -39.73
N ALA B 68 35.16 -8.12 -40.82
CA ALA B 68 34.93 -6.67 -40.74
C ALA B 68 33.51 -6.32 -40.28
N GLU B 69 32.56 -7.15 -40.69
CA GLU B 69 31.16 -7.00 -40.29
C GLU B 69 30.94 -7.17 -38.79
N VAL B 70 31.45 -8.26 -38.26
CA VAL B 70 31.35 -8.54 -36.83
C VAL B 70 32.10 -7.46 -36.06
N GLU B 71 33.26 -7.05 -36.56
CA GLU B 71 34.03 -6.00 -35.89
C GLU B 71 33.19 -4.76 -35.73
N GLU B 72 32.47 -4.41 -36.80
CA GLU B 72 31.67 -3.20 -36.84
C GLU B 72 30.42 -3.34 -35.97
N SER B 73 29.72 -4.46 -36.09
CA SER B 73 28.54 -4.72 -35.24
C SER B 73 28.89 -4.67 -33.75
N MET B 74 30.04 -5.24 -33.39
CA MET B 74 30.46 -5.28 -32.00
C MET B 74 30.83 -3.92 -31.43
N ILE B 75 31.41 -3.06 -32.27
CA ILE B 75 31.65 -1.68 -31.86
C ILE B 75 30.35 -0.99 -31.47
N ALA B 76 29.32 -1.17 -32.29
CA ALA B 76 28.03 -0.56 -32.02
C ALA B 76 27.42 -1.19 -30.77
N ALA B 77 27.58 -2.51 -30.63
CA ALA B 77 27.03 -3.24 -29.49
C ALA B 77 27.60 -2.75 -28.17
N ARG B 78 28.92 -2.56 -28.11
CA ARG B 78 29.58 -2.15 -26.87
C ARG B 78 29.15 -0.79 -26.38
N GLU B 79 28.98 0.15 -27.31
CA GLU B 79 28.57 1.51 -26.97
C GLU B 79 27.24 1.48 -26.23
N ILE B 80 26.28 0.79 -26.81
CA ILE B 80 24.95 0.68 -26.23
C ILE B 80 24.99 -0.11 -24.94
N ALA B 81 25.72 -1.22 -24.97
CA ALA B 81 25.84 -2.12 -23.81
C ALA B 81 26.41 -1.40 -22.58
N GLY B 82 27.32 -0.47 -22.83
CA GLY B 82 28.01 0.27 -21.79
C GLY B 82 27.31 1.56 -21.39
N ALA B 83 26.17 1.86 -22.00
CA ALA B 83 25.42 3.07 -21.71
C ALA B 83 24.94 3.10 -20.26
N GLY B 84 24.87 4.28 -19.66
CA GLY B 84 24.40 4.39 -18.29
C GLY B 84 25.30 3.66 -17.31
N SER B 85 24.71 2.76 -16.54
CA SER B 85 25.45 1.95 -15.59
C SER B 85 26.31 0.90 -16.28
N GLY B 86 26.04 0.65 -17.56
CA GLY B 86 26.71 -0.40 -18.30
C GLY B 86 26.09 -1.75 -17.96
N ALA B 87 25.97 -2.63 -18.95
CA ALA B 87 25.34 -3.93 -18.78
C ALA B 87 26.17 -5.06 -19.39
N LEU B 88 27.37 -4.75 -19.86
CA LEU B 88 28.19 -5.78 -20.48
C LEU B 88 28.99 -6.56 -19.44
N LEU B 89 28.66 -7.84 -19.29
CA LEU B 89 29.37 -8.70 -18.36
C LEU B 89 30.62 -9.30 -18.99
N ASP B 90 30.50 -9.74 -20.24
CA ASP B 90 31.65 -10.26 -20.98
C ASP B 90 31.37 -10.16 -22.47
N GLU B 91 32.42 -10.26 -23.26
CA GLU B 91 32.30 -10.26 -24.70
C GLU B 91 33.39 -11.10 -25.36
N LEU B 92 33.13 -11.50 -26.59
CA LEU B 92 34.05 -12.26 -27.38
C LEU B 92 33.94 -11.92 -28.85
N GLU B 93 35.10 -11.75 -29.49
CA GLU B 93 35.21 -11.65 -30.94
C GLU B 93 36.26 -12.64 -31.43
N LEU B 94 35.82 -13.63 -32.20
CA LEU B 94 36.69 -14.60 -32.83
C LEU B 94 36.61 -14.45 -34.32
N PRO B 95 37.71 -13.99 -34.97
CA PRO B 95 37.66 -13.84 -36.42
C PRO B 95 37.41 -15.16 -37.12
N TYR B 96 37.78 -16.25 -36.48
CA TYR B 96 37.75 -17.53 -37.15
C TYR B 96 37.46 -18.57 -36.09
N ALA B 97 36.18 -18.86 -35.89
CA ALA B 97 35.81 -19.77 -34.83
C ALA B 97 36.01 -21.18 -35.31
N HIS B 98 36.59 -22.01 -34.44
CA HIS B 98 36.93 -23.37 -34.78
C HIS B 98 35.70 -24.17 -35.22
N GLU B 99 35.86 -24.95 -36.28
CA GLU B 99 34.76 -25.74 -36.83
C GLU B 99 34.01 -26.58 -35.80
N GLN B 100 34.69 -27.14 -34.81
CA GLN B 100 34.03 -27.99 -33.81
C GLN B 100 33.07 -27.24 -32.91
N LEU B 101 33.36 -25.96 -32.73
CA LEU B 101 32.66 -25.11 -31.80
C LEU B 101 31.23 -24.79 -32.22
N TRP B 102 31.01 -24.68 -33.52
CA TRP B 102 29.74 -24.17 -34.04
C TRP B 102 28.50 -24.97 -33.58
N ARG B 103 28.62 -26.30 -33.54
CA ARG B 103 27.46 -27.13 -33.21
C ARG B 103 27.15 -27.16 -31.71
N PHE B 104 27.99 -26.53 -30.90
CA PHE B 104 27.77 -26.52 -29.45
C PHE B 104 27.18 -25.20 -28.95
N LEU B 105 27.01 -24.22 -29.84
CA LEU B 105 26.58 -22.92 -29.39
C LEU B 105 25.10 -22.86 -29.00
N ASP B 106 24.23 -23.56 -29.74
CA ASP B 106 22.78 -23.34 -29.63
C ASP B 106 22.16 -23.94 -28.37
N ALA B 107 22.64 -25.09 -27.96
CA ALA B 107 22.05 -25.79 -26.82
C ALA B 107 23.08 -26.66 -26.13
N PRO B 108 22.83 -27.02 -24.87
CA PRO B 108 23.67 -27.98 -24.15
C PRO B 108 23.84 -29.30 -24.92
N VAL B 109 25.04 -29.85 -24.87
CA VAL B 109 25.35 -31.11 -25.54
C VAL B 109 26.01 -32.02 -24.53
N VAL B 110 25.50 -33.24 -24.41
CA VAL B 110 26.14 -34.26 -23.59
C VAL B 110 26.52 -35.41 -24.50
N ALA B 111 27.78 -35.82 -24.46
CA ALA B 111 28.28 -36.91 -25.29
C ALA B 111 27.80 -38.26 -24.80
N ASP B 112 27.49 -39.14 -25.75
CA ASP B 112 27.10 -40.52 -25.46
C ASP B 112 28.30 -41.44 -25.44
N ALA B 113 29.30 -41.10 -26.26
CA ALA B 113 30.47 -41.95 -26.49
C ALA B 113 31.67 -41.12 -26.95
N TRP B 114 32.89 -41.56 -26.63
CA TRP B 114 34.10 -40.94 -27.17
C TRP B 114 34.69 -41.74 -28.32
N GLU B 119 41.40 -42.60 -24.21
CA GLU B 119 41.28 -41.14 -24.23
C GLU B 119 41.23 -40.53 -22.82
N SER B 120 41.97 -39.45 -22.67
CA SER B 120 41.97 -38.64 -21.45
C SER B 120 40.96 -37.49 -21.62
N VAL B 121 40.61 -36.82 -20.52
CA VAL B 121 39.61 -35.76 -20.56
C VAL B 121 40.02 -34.59 -19.65
N ILE B 122 39.73 -33.37 -20.10
CA ILE B 122 39.71 -32.24 -19.16
C ILE B 122 38.33 -31.62 -19.13
N ILE B 123 37.94 -31.16 -17.94
CA ILE B 123 36.67 -30.52 -17.70
C ILE B 123 36.96 -29.11 -17.31
N VAL B 124 36.40 -28.16 -18.06
CA VAL B 124 36.68 -26.77 -17.84
C VAL B 124 35.40 -26.07 -17.41
N GLU B 125 35.49 -25.31 -16.33
CA GLU B 125 34.35 -24.66 -15.72
C GLU B 125 34.69 -23.18 -15.58
N THR B 126 33.87 -22.33 -16.21
CA THR B 126 34.13 -20.89 -16.34
C THR B 126 33.01 -20.05 -15.75
N ALA B 127 33.34 -18.83 -15.36
CA ALA B 127 32.37 -17.90 -14.79
C ALA B 127 31.43 -17.28 -15.83
N THR B 128 31.87 -17.22 -17.09
CA THR B 128 31.04 -16.68 -18.16
C THR B 128 30.97 -17.63 -19.35
N VAL B 129 29.92 -17.46 -20.13
CA VAL B 129 29.74 -18.17 -21.41
C VAL B 129 30.86 -17.78 -22.38
N CYS B 130 31.17 -16.50 -22.45
CA CYS B 130 32.24 -16.05 -23.34
C CYS B 130 33.57 -16.72 -23.03
N ALA B 131 33.91 -16.85 -21.75
CA ALA B 131 35.16 -17.51 -21.35
C ALA B 131 35.25 -18.94 -21.86
N ALA B 132 34.14 -19.68 -21.75
CA ALA B 132 34.10 -21.05 -22.26
C ALA B 132 34.34 -21.08 -23.78
N ILE B 133 33.65 -20.25 -24.53
CA ILE B 133 33.77 -20.30 -25.98
C ILE B 133 35.18 -19.86 -26.39
N ASP B 134 35.67 -18.83 -25.71
CA ASP B 134 36.97 -18.26 -26.00
C ASP B 134 38.09 -19.28 -25.75
N SER B 135 38.09 -19.83 -24.54
CA SER B 135 39.07 -20.83 -24.15
C SER B 135 38.94 -22.12 -24.95
N ALA B 136 37.73 -22.59 -25.22
CA ALA B 136 37.57 -23.78 -26.06
C ALA B 136 38.16 -23.55 -27.47
N ASP B 137 37.89 -22.39 -28.07
CA ASP B 137 38.43 -22.09 -29.38
C ASP B 137 39.95 -22.17 -29.36
N ALA B 138 40.56 -21.53 -28.38
CA ALA B 138 42.01 -21.53 -28.22
C ALA B 138 42.55 -22.96 -28.06
N ALA B 139 41.89 -23.74 -27.21
CA ALA B 139 42.26 -25.12 -26.96
C ALA B 139 42.23 -25.99 -28.22
N LEU B 140 41.15 -25.87 -28.98
CA LEU B 140 40.97 -26.68 -30.18
C LEU B 140 42.02 -26.37 -31.24
N LYS B 141 42.53 -25.14 -31.21
CA LYS B 141 43.53 -24.68 -32.16
C LYS B 141 44.95 -25.03 -31.70
N THR B 142 45.10 -25.36 -30.42
CA THR B 142 46.41 -25.61 -29.83
C THR B 142 46.81 -27.07 -29.90
N ALA B 143 45.87 -27.96 -29.66
CA ALA B 143 46.12 -29.39 -29.65
C ALA B 143 44.99 -30.15 -30.34
N PRO B 144 45.29 -31.34 -30.88
CA PRO B 144 44.22 -32.05 -31.59
C PRO B 144 43.26 -32.74 -30.63
N VAL B 145 42.46 -31.93 -29.97
CA VAL B 145 41.49 -32.41 -29.00
C VAL B 145 40.09 -32.27 -29.57
N VAL B 146 39.16 -32.96 -28.94
CA VAL B 146 37.78 -33.00 -29.38
C VAL B 146 36.84 -32.50 -28.29
N LEU B 147 36.02 -31.53 -28.66
CA LEU B 147 34.98 -31.02 -27.79
C LEU B 147 33.85 -32.05 -27.64
N ARG B 148 33.53 -32.45 -26.42
CA ARG B 148 32.50 -33.48 -26.22
C ARG B 148 31.22 -32.98 -25.55
N ASP B 149 31.38 -32.27 -24.44
CA ASP B 149 30.24 -31.75 -23.69
C ASP B 149 30.34 -30.23 -23.65
N MET B 150 29.20 -29.56 -23.59
CA MET B 150 29.22 -28.14 -23.30
C MET B 150 27.85 -27.72 -22.75
N ARG B 151 27.88 -26.80 -21.80
CA ARG B 151 26.67 -26.20 -21.26
C ARG B 151 26.97 -24.74 -21.01
N LEU B 152 26.24 -23.87 -21.70
CA LEU B 152 26.39 -22.44 -21.56
C LEU B 152 25.19 -21.88 -20.77
N ALA B 153 25.47 -21.50 -19.53
CA ALA B 153 24.55 -20.80 -18.63
C ALA B 153 23.37 -21.63 -18.13
N ILE B 154 22.66 -22.31 -19.02
CA ILE B 154 21.34 -22.83 -18.68
C ILE B 154 21.40 -23.93 -17.64
N GLY B 155 20.69 -23.69 -16.54
CA GLY B 155 20.59 -24.68 -15.48
C GLY B 155 21.77 -24.68 -14.53
N ILE B 156 22.76 -23.85 -14.79
CA ILE B 156 23.92 -23.79 -13.91
C ILE B 156 24.22 -22.31 -13.57
N ALA B 157 23.14 -21.55 -13.45
CA ALA B 157 23.19 -20.20 -12.90
C ALA B 157 24.17 -19.26 -13.62
N GLY B 158 24.28 -19.40 -14.93
CA GLY B 158 25.09 -18.48 -15.71
C GLY B 158 26.53 -18.91 -15.95
N LYS B 159 26.96 -19.96 -15.25
CA LYS B 159 28.27 -20.55 -15.47
C LYS B 159 28.29 -21.26 -16.81
N ALA B 160 29.46 -21.76 -17.16
CA ALA B 160 29.60 -22.55 -18.37
C ALA B 160 30.63 -23.63 -18.11
N PHE B 161 30.50 -24.74 -18.80
CA PHE B 161 31.56 -25.71 -18.79
C PHE B 161 31.61 -26.46 -20.10
N PHE B 162 32.75 -27.08 -20.36
CA PHE B 162 32.88 -27.95 -21.51
C PHE B 162 33.96 -28.99 -21.22
N THR B 163 33.96 -30.05 -22.01
CA THR B 163 34.96 -31.10 -21.91
C THR B 163 35.69 -31.28 -23.21
N LEU B 164 36.99 -31.59 -23.09
CA LEU B 164 37.83 -31.87 -24.24
C LEU B 164 38.50 -33.23 -24.01
N THR B 165 38.47 -34.10 -25.02
CA THR B 165 39.19 -35.37 -24.93
C THR B 165 40.27 -35.49 -25.99
N GLY B 166 41.22 -36.39 -25.71
CA GLY B 166 42.36 -36.64 -26.58
C GLY B 166 43.44 -37.40 -25.82
N GLU B 167 44.64 -37.49 -26.40
CA GLU B 167 45.79 -38.07 -25.75
C GLU B 167 46.11 -37.23 -24.56
N LEU B 168 46.71 -37.82 -23.55
CA LEU B 168 47.00 -37.11 -22.31
C LEU B 168 47.80 -35.83 -22.50
N ALA B 169 48.88 -35.90 -23.27
CA ALA B 169 49.69 -34.73 -23.50
C ALA B 169 48.92 -33.66 -24.27
N ASP B 170 48.03 -34.09 -25.17
CA ASP B 170 47.22 -33.17 -25.95
C ASP B 170 46.29 -32.36 -25.03
N VAL B 171 45.59 -33.02 -24.10
CA VAL B 171 44.67 -32.28 -23.26
C VAL B 171 45.43 -31.45 -22.22
N GLU B 172 46.65 -31.86 -21.89
CA GLU B 172 47.48 -31.04 -20.99
C GLU B 172 47.92 -29.77 -21.70
N ALA B 173 48.27 -29.89 -22.98
CA ALA B 173 48.66 -28.73 -23.76
C ALA B 173 47.45 -27.77 -23.89
N ALA B 174 46.30 -28.32 -24.24
CA ALA B 174 45.06 -27.55 -24.30
C ALA B 174 44.77 -26.86 -22.96
N ALA B 175 44.98 -27.56 -21.87
CA ALA B 175 44.66 -27.03 -20.55
C ALA B 175 45.46 -25.77 -20.22
N GLU B 176 46.72 -25.74 -20.62
CA GLU B 176 47.55 -24.54 -20.43
C GLU B 176 47.00 -23.34 -21.17
N VAL B 177 46.57 -23.54 -22.41
CA VAL B 177 46.03 -22.45 -23.19
C VAL B 177 44.70 -22.00 -22.58
N VAL B 178 43.91 -22.95 -22.08
CA VAL B 178 42.61 -22.61 -21.46
C VAL B 178 42.83 -21.68 -20.29
N ARG B 179 43.78 -22.03 -19.42
CA ARG B 179 44.10 -21.17 -18.28
C ARG B 179 44.49 -19.77 -18.74
N GLU B 180 45.37 -19.69 -19.73
CA GLU B 180 45.84 -18.38 -20.17
C GLU B 180 44.70 -17.58 -20.78
N ARG B 181 43.91 -18.21 -21.61
CA ARG B 181 42.84 -17.51 -22.29
C ARG B 181 41.73 -17.11 -21.28
N CYS B 182 41.40 -17.96 -20.31
CA CYS B 182 40.34 -17.62 -19.35
C CYS B 182 40.73 -16.53 -18.37
N GLY B 183 41.99 -16.56 -17.95
CA GLY B 183 42.40 -15.75 -16.83
C GLY B 183 41.52 -16.01 -15.62
N ALA B 184 41.11 -14.95 -14.94
CA ALA B 184 40.32 -15.08 -13.71
C ALA B 184 38.90 -15.60 -13.92
N ARG B 185 38.49 -15.75 -15.17
CA ARG B 185 37.16 -16.27 -15.48
C ARG B 185 37.11 -17.78 -15.32
N LEU B 186 38.28 -18.42 -15.22
CA LEU B 186 38.34 -19.85 -14.98
C LEU B 186 37.96 -20.13 -13.54
N LEU B 187 36.99 -21.02 -13.35
CA LEU B 187 36.56 -21.41 -12.01
C LEU B 187 37.27 -22.69 -11.55
N GLU B 188 37.31 -23.68 -12.43
CA GLU B 188 37.92 -24.95 -12.12
C GLU B 188 38.28 -25.67 -13.39
N LEU B 189 39.41 -26.36 -13.37
CA LEU B 189 39.82 -27.19 -14.48
C LEU B 189 40.28 -28.52 -13.90
N ALA B 190 39.68 -29.60 -14.38
CA ALA B 190 40.01 -30.93 -13.89
C ALA B 190 40.56 -31.74 -15.04
N CYS B 191 41.60 -32.52 -14.76
CA CYS B 191 42.16 -33.43 -15.74
C CYS B 191 42.09 -34.86 -15.22
N ILE B 192 41.54 -35.76 -16.02
CA ILE B 192 41.50 -37.17 -15.67
C ILE B 192 42.21 -37.98 -16.74
N ALA B 193 43.39 -38.52 -16.41
CA ALA B 193 44.19 -39.20 -17.41
C ALA B 193 43.53 -40.48 -17.87
N ARG B 194 42.94 -41.20 -16.92
CA ARG B 194 42.28 -42.45 -17.22
C ARG B 194 40.97 -42.57 -16.46
N PRO B 195 39.89 -42.07 -17.06
CA PRO B 195 38.57 -42.19 -16.39
C PRO B 195 38.17 -43.66 -16.11
N VAL B 196 37.51 -43.99 -14.99
CA VAL B 196 37.01 -45.35 -14.80
C VAL B 196 36.14 -45.74 -15.97
N ASP B 197 36.06 -47.04 -16.21
CA ASP B 197 35.25 -47.57 -17.31
C ASP B 197 33.82 -47.08 -17.25
N GLU B 198 33.28 -46.97 -16.04
CA GLU B 198 31.90 -46.56 -15.84
C GLU B 198 31.61 -45.14 -16.27
N LEU B 199 32.64 -44.29 -16.27
CA LEU B 199 32.50 -42.90 -16.67
C LEU B 199 32.88 -42.62 -18.12
N ARG B 200 33.67 -43.51 -18.70
CA ARG B 200 34.19 -43.33 -20.04
C ARG B 200 33.08 -43.15 -21.08
N GLY B 201 33.20 -42.10 -21.88
CA GLY B 201 32.19 -41.80 -22.87
C GLY B 201 31.11 -40.90 -22.31
N ARG B 202 30.45 -41.35 -21.23
CA ARG B 202 29.40 -40.56 -20.61
C ARG B 202 29.75 -40.04 -19.20
N LEU B 203 29.94 -38.73 -19.08
CA LEU B 203 30.36 -38.13 -17.82
C LEU B 203 29.17 -37.53 -17.05
N PHE B 204 28.11 -37.26 -17.80
CA PHE B 204 26.92 -36.63 -17.26
C PHE B 204 25.75 -37.51 -17.61
N PHE B 205 24.98 -37.90 -16.58
CA PHE B 205 23.85 -38.80 -16.76
C PHE B 205 22.96 -38.85 -15.52
N MET C 1 28.41 -48.50 -14.42
CA MET C 1 27.52 -48.14 -13.33
C MET C 1 26.41 -47.20 -13.81
N ASP C 2 26.59 -46.61 -14.99
CA ASP C 2 25.76 -45.46 -15.40
C ASP C 2 24.50 -45.77 -16.23
N HIS C 3 24.63 -46.67 -17.20
CA HIS C 3 23.66 -46.77 -18.30
C HIS C 3 22.19 -47.07 -17.92
N ALA C 4 21.91 -48.28 -17.45
CA ALA C 4 20.54 -48.81 -17.38
C ALA C 4 19.60 -48.16 -16.33
N PRO C 5 18.29 -48.04 -16.64
CA PRO C 5 17.27 -47.36 -15.82
C PRO C 5 16.85 -48.11 -14.55
N GLU C 6 16.95 -49.43 -14.56
CA GLU C 6 16.64 -50.24 -13.38
C GLU C 6 17.54 -49.92 -12.18
N ARG C 7 18.62 -49.18 -12.41
CA ARG C 7 19.58 -48.89 -11.34
C ARG C 7 18.97 -48.14 -10.16
N PHE C 8 17.78 -47.54 -10.34
CA PHE C 8 17.07 -46.89 -9.25
C PHE C 8 16.01 -47.79 -8.60
N ASP C 9 15.95 -49.06 -8.98
CA ASP C 9 14.96 -49.99 -8.42
C ASP C 9 15.16 -50.18 -6.92
N ALA C 10 14.06 -50.16 -6.17
CA ALA C 10 14.12 -50.39 -4.72
C ALA C 10 14.70 -51.78 -4.45
N THR C 11 14.24 -52.76 -5.21
CA THR C 11 14.75 -54.13 -5.08
C THR C 11 15.37 -54.60 -6.41
N PRO C 12 16.40 -55.46 -6.32
CA PRO C 12 17.14 -55.87 -7.52
C PRO C 12 16.32 -56.71 -8.49
N PRO C 13 16.59 -56.55 -9.80
CA PRO C 13 16.06 -57.40 -10.87
C PRO C 13 16.56 -58.84 -10.80
N GLU C 16 20.56 -59.80 -10.01
CA GLU C 16 21.49 -58.87 -9.38
C GLU C 16 21.40 -58.91 -7.85
N PRO C 17 22.54 -58.60 -7.20
CA PRO C 17 22.70 -58.56 -5.75
C PRO C 17 22.06 -57.31 -5.14
N ASP C 18 21.91 -57.33 -3.83
CA ASP C 18 21.30 -56.22 -3.11
C ASP C 18 22.26 -55.05 -2.90
N ARG C 19 21.77 -53.86 -3.24
CA ARG C 19 22.53 -52.61 -3.11
C ARG C 19 21.68 -51.61 -2.30
N PRO C 20 21.62 -51.83 -0.97
CA PRO C 20 20.71 -51.12 -0.06
C PRO C 20 21.21 -49.73 0.35
N ALA C 21 22.53 -49.51 0.27
CA ALA C 21 23.12 -48.29 0.77
C ALA C 21 23.14 -47.18 -0.28
N LEU C 22 23.00 -45.93 0.17
CA LEU C 22 22.94 -44.75 -0.70
C LEU C 22 23.99 -43.73 -0.26
N GLY C 23 24.74 -43.20 -1.22
CA GLY C 23 25.67 -42.12 -0.94
C GLY C 23 25.32 -40.95 -1.86
N VAL C 24 25.32 -39.74 -1.31
CA VAL C 24 25.01 -38.56 -2.09
C VAL C 24 26.06 -37.50 -1.81
N LEU C 25 26.56 -36.89 -2.88
CA LEU C 25 27.53 -35.82 -2.75
C LEU C 25 27.01 -34.61 -3.52
N GLU C 26 27.12 -33.46 -2.89
CA GLU C 26 26.59 -32.22 -3.38
C GLU C 26 27.75 -31.24 -3.49
N LEU C 27 28.21 -31.00 -4.71
CA LEU C 27 29.43 -30.22 -4.92
C LEU C 27 29.18 -28.88 -5.60
N THR C 28 30.00 -27.90 -5.26
CA THR C 28 29.91 -26.56 -5.81
C THR C 28 30.55 -26.43 -7.18
N SER C 29 31.31 -27.43 -7.59
CA SER C 29 32.05 -27.41 -8.85
C SER C 29 31.71 -28.63 -9.68
N ILE C 30 31.30 -28.40 -10.92
CA ILE C 30 31.00 -29.51 -11.81
C ILE C 30 32.30 -30.27 -12.15
N ALA C 31 33.38 -29.54 -12.43
CA ALA C 31 34.66 -30.18 -12.76
C ALA C 31 35.17 -31.06 -11.62
N ARG C 32 35.17 -30.53 -10.40
CA ARG C 32 35.55 -31.30 -9.22
C ARG C 32 34.66 -32.53 -9.04
N GLY C 33 33.37 -32.37 -9.30
CA GLY C 33 32.40 -33.45 -9.23
C GLY C 33 32.74 -34.66 -10.08
N ILE C 34 33.23 -34.41 -11.29
CA ILE C 34 33.61 -35.49 -12.17
C ILE C 34 34.82 -36.23 -11.56
N THR C 35 35.79 -35.49 -11.04
CA THR C 35 36.97 -36.10 -10.45
C THR C 35 36.62 -36.89 -9.19
N VAL C 36 35.67 -36.36 -8.42
CA VAL C 36 35.16 -37.03 -7.24
C VAL C 36 34.50 -38.35 -7.62
N ALA C 37 33.65 -38.33 -8.64
CA ALA C 37 33.01 -39.54 -9.13
C ALA C 37 34.04 -40.59 -9.54
N ASP C 38 35.04 -40.16 -10.30
CA ASP C 38 36.12 -41.03 -10.77
C ASP C 38 36.86 -41.68 -9.60
N ALA C 39 37.26 -40.86 -8.63
CA ALA C 39 37.90 -41.36 -7.42
C ALA C 39 37.04 -42.35 -6.63
N ALA C 40 35.74 -42.07 -6.54
CA ALA C 40 34.82 -42.90 -5.77
C ALA C 40 34.71 -44.31 -6.33
N LEU C 41 34.60 -44.39 -7.64
CA LEU C 41 34.43 -45.66 -8.32
C LEU C 41 35.76 -46.38 -8.49
N LYS C 42 36.88 -45.66 -8.47
CA LYS C 42 38.17 -46.33 -8.50
C LYS C 42 38.45 -47.00 -7.15
N ARG C 43 37.94 -46.42 -6.07
CA ARG C 43 38.19 -46.95 -4.72
C ARG C 43 37.37 -48.19 -4.42
N ALA C 44 36.08 -48.17 -4.75
CA ALA C 44 35.21 -49.30 -4.48
C ALA C 44 34.14 -49.40 -5.54
N PRO C 45 33.66 -50.62 -5.81
CA PRO C 45 32.76 -50.84 -6.94
C PRO C 45 31.29 -50.42 -6.64
N SER C 46 31.09 -49.24 -6.06
CA SER C 46 29.73 -48.67 -5.92
C SER C 46 29.10 -48.43 -7.27
N LEU C 47 27.77 -48.43 -7.32
CA LEU C 47 27.08 -48.20 -8.57
C LEU C 47 26.71 -46.71 -8.64
N LEU C 48 27.24 -45.99 -9.63
CA LEU C 48 26.96 -44.57 -9.76
C LEU C 48 25.58 -44.40 -10.37
N LEU C 49 24.71 -43.65 -9.70
CA LEU C 49 23.35 -43.47 -10.18
C LEU C 49 23.18 -42.22 -11.03
N MET C 50 23.87 -41.15 -10.64
CA MET C 50 23.84 -39.93 -11.42
C MET C 50 25.07 -39.06 -11.23
N SER C 51 25.33 -38.25 -12.25
CA SER C 51 26.39 -37.27 -12.24
C SER C 51 25.86 -36.06 -13.00
N ARG C 52 25.35 -35.08 -12.23
CA ARG C 52 24.46 -34.08 -12.80
C ARG C 52 24.74 -32.66 -12.34
N PRO C 53 25.02 -31.76 -13.30
CA PRO C 53 24.96 -30.36 -12.92
C PRO C 53 23.50 -30.03 -12.64
N VAL C 54 23.25 -29.23 -11.62
CA VAL C 54 21.90 -28.83 -11.26
C VAL C 54 21.89 -27.38 -10.88
N CYS C 55 20.69 -26.83 -10.77
CA CYS C 55 20.53 -25.41 -10.49
C CYS C 55 21.27 -24.92 -9.27
N SER C 56 21.70 -23.68 -9.45
CA SER C 56 22.58 -22.95 -8.57
C SER C 56 24.00 -23.19 -9.10
N GLY C 57 24.14 -24.14 -10.03
CA GLY C 57 25.45 -24.48 -10.60
C GLY C 57 26.26 -25.46 -9.78
N LYS C 58 25.60 -26.23 -8.94
CA LYS C 58 26.30 -27.27 -8.19
C LYS C 58 26.26 -28.58 -8.97
N HIS C 59 26.97 -29.59 -8.47
CA HIS C 59 26.99 -30.88 -9.14
C HIS C 59 26.49 -31.93 -8.16
N LEU C 60 25.60 -32.81 -8.64
CA LEU C 60 24.99 -33.81 -7.78
C LEU C 60 25.48 -35.20 -8.19
N LEU C 61 26.11 -35.90 -7.24
CA LEU C 61 26.49 -37.31 -7.40
C LEU C 61 25.66 -38.19 -6.46
N MET C 62 25.09 -39.28 -6.98
CA MET C 62 24.54 -40.33 -6.12
C MET C 62 25.11 -41.68 -6.53
N MET C 63 25.29 -42.52 -5.53
CA MET C 63 25.74 -43.87 -5.76
C MET C 63 24.99 -44.84 -4.84
N ARG C 64 24.92 -46.10 -5.23
CA ARG C 64 24.40 -47.10 -4.32
C ARG C 64 25.32 -48.30 -4.33
N GLY C 65 25.17 -49.15 -3.33
CA GLY C 65 25.98 -50.35 -3.26
C GLY C 65 25.70 -51.08 -1.97
N GLN C 66 26.49 -52.11 -1.72
CA GLN C 66 26.51 -52.76 -0.42
C GLN C 66 27.06 -51.77 0.58
N VAL C 67 26.68 -51.94 1.85
CA VAL C 67 27.07 -51.01 2.91
C VAL C 67 28.55 -50.62 2.88
N ALA C 68 29.45 -51.60 2.82
CA ALA C 68 30.89 -51.32 2.89
C ALA C 68 31.42 -50.60 1.65
N GLU C 69 30.88 -50.94 0.49
CA GLU C 69 31.26 -50.32 -0.79
C GLU C 69 30.98 -48.82 -0.78
N VAL C 70 29.75 -48.47 -0.40
CA VAL C 70 29.39 -47.07 -0.35
C VAL C 70 30.27 -46.36 0.69
N GLU C 71 30.53 -47.00 1.82
CA GLU C 71 31.36 -46.37 2.84
C GLU C 71 32.76 -46.04 2.32
N GLU C 72 33.37 -46.96 1.59
CA GLU C 72 34.72 -46.73 1.07
C GLU C 72 34.73 -45.74 -0.11
N SER C 73 33.78 -45.84 -1.02
CA SER C 73 33.68 -44.84 -2.12
C SER C 73 33.55 -43.42 -1.55
N MET C 74 32.74 -43.26 -0.52
CA MET C 74 32.50 -41.93 0.07
C MET C 74 33.74 -41.38 0.74
N ILE C 75 34.52 -42.25 1.38
CA ILE C 75 35.79 -41.83 1.95
C ILE C 75 36.67 -41.24 0.86
N ALA C 76 36.77 -41.95 -0.26
CA ALA C 76 37.59 -41.49 -1.37
C ALA C 76 37.03 -40.19 -1.93
N ALA C 77 35.71 -40.12 -2.03
CA ALA C 77 35.03 -38.92 -2.52
C ALA C 77 35.33 -37.72 -1.63
N ARG C 78 35.25 -37.91 -0.32
CA ARG C 78 35.44 -36.81 0.62
C ARG C 78 36.84 -36.21 0.50
N GLU C 79 37.85 -37.05 0.33
CA GLU C 79 39.22 -36.59 0.17
C GLU C 79 39.37 -35.68 -1.05
N ILE C 80 38.90 -36.15 -2.20
CA ILE C 80 39.01 -35.37 -3.42
C ILE C 80 38.18 -34.11 -3.37
N ALA C 81 36.95 -34.23 -2.88
CA ALA C 81 36.05 -33.09 -2.80
C ALA C 81 36.68 -32.00 -1.94
N GLY C 82 37.46 -32.44 -0.94
CA GLY C 82 38.06 -31.52 0.01
C GLY C 82 39.43 -31.00 -0.37
N ALA C 83 39.96 -31.40 -1.52
CA ALA C 83 41.31 -30.98 -1.90
C ALA C 83 41.37 -29.48 -2.05
N GLY C 84 42.48 -28.88 -1.62
CA GLY C 84 42.60 -27.43 -1.68
C GLY C 84 41.42 -26.95 -0.86
N SER C 85 40.66 -26.05 -1.48
CA SER C 85 39.39 -25.62 -0.91
C SER C 85 38.28 -26.61 -1.15
N GLY C 86 37.55 -26.93 -0.08
CA GLY C 86 36.48 -27.90 -0.17
C GLY C 86 35.47 -27.50 -1.23
N ALA C 87 34.87 -28.49 -1.87
CA ALA C 87 33.88 -28.24 -2.90
C ALA C 87 32.63 -29.00 -2.48
N LEU C 88 32.68 -29.61 -1.29
CA LEU C 88 31.56 -30.39 -0.80
C LEU C 88 30.59 -29.47 -0.07
N LEU C 89 29.40 -29.33 -0.62
CA LEU C 89 28.40 -28.50 0.03
C LEU C 89 27.69 -29.30 1.12
N ASP C 90 27.34 -30.53 0.78
CA ASP C 90 26.68 -31.42 1.71
C ASP C 90 26.89 -32.85 1.24
N GLU C 91 26.69 -33.77 2.17
CA GLU C 91 26.78 -35.19 1.84
C GLU C 91 25.81 -36.01 2.67
N LEU C 92 25.51 -37.19 2.18
CA LEU C 92 24.66 -38.10 2.88
C LEU C 92 25.19 -39.51 2.65
N GLU C 93 25.23 -40.30 3.72
CA GLU C 93 25.46 -41.71 3.61
C GLU C 93 24.41 -42.48 4.41
N LEU C 94 23.61 -43.29 3.71
CA LEU C 94 22.58 -44.11 4.36
C LEU C 94 22.83 -45.59 4.14
N PRO C 95 23.19 -46.33 5.21
CA PRO C 95 23.45 -47.76 5.04
C PRO C 95 22.25 -48.50 4.50
N TYR C 96 21.04 -47.96 4.75
CA TYR C 96 19.84 -48.66 4.36
C TYR C 96 18.80 -47.59 4.02
N ALA C 97 18.71 -47.28 2.74
CA ALA C 97 17.81 -46.22 2.31
C ALA C 97 16.39 -46.78 2.23
N HIS C 98 15.42 -46.01 2.74
CA HIS C 98 14.05 -46.47 2.75
C HIS C 98 13.58 -46.79 1.33
N GLU C 99 12.91 -47.92 1.14
CA GLU C 99 12.50 -48.34 -0.20
C GLU C 99 11.73 -47.29 -1.02
N GLN C 100 10.90 -46.48 -0.34
CA GLN C 100 10.06 -45.49 -1.02
C GLN C 100 10.88 -44.41 -1.71
N LEU C 101 12.05 -44.21 -1.16
CA LEU C 101 12.95 -43.14 -1.55
C LEU C 101 13.52 -43.36 -2.95
N TRP C 102 13.77 -44.61 -3.32
CA TRP C 102 14.49 -44.92 -4.56
C TRP C 102 13.84 -44.35 -5.83
N ARG C 103 12.51 -44.41 -5.91
CA ARG C 103 11.80 -43.95 -7.11
C ARG C 103 11.66 -42.42 -7.19
N PHE C 104 12.08 -41.71 -6.16
CA PHE C 104 12.03 -40.25 -6.17
C PHE C 104 13.40 -39.61 -6.47
N LEU C 105 14.44 -40.42 -6.62
CA LEU C 105 15.79 -39.85 -6.79
C LEU C 105 16.07 -39.25 -8.16
N ASP C 106 15.60 -39.89 -9.23
CA ASP C 106 16.05 -39.56 -10.58
C ASP C 106 15.45 -38.27 -11.10
N ALA C 107 14.20 -38.01 -10.74
CA ALA C 107 13.51 -36.84 -11.28
C ALA C 107 12.45 -36.31 -10.32
N PRO C 108 12.11 -35.00 -10.44
CA PRO C 108 11.01 -34.45 -9.66
C PRO C 108 9.72 -35.24 -9.86
N VAL C 109 8.96 -35.42 -8.79
CA VAL C 109 7.71 -36.17 -8.84
C VAL C 109 6.60 -35.33 -8.24
N VAL C 110 5.47 -35.26 -8.96
CA VAL C 110 4.26 -34.63 -8.45
C VAL C 110 3.18 -35.69 -8.39
N ALA C 111 2.56 -35.84 -7.22
CA ALA C 111 1.47 -36.79 -7.06
C ALA C 111 0.23 -36.20 -7.71
N ASP C 112 -0.55 -37.06 -8.37
CA ASP C 112 -1.78 -36.63 -9.01
C ASP C 112 -2.98 -36.73 -8.06
N ALA C 113 -2.90 -37.70 -7.14
CA ALA C 113 -4.01 -37.99 -6.23
C ALA C 113 -3.49 -38.65 -4.96
N TRP C 114 -4.18 -38.44 -3.83
CA TRP C 114 -3.86 -39.15 -2.60
C TRP C 114 -4.71 -40.41 -2.53
N GLU C 119 -4.39 -38.15 4.03
CA GLU C 119 -5.27 -36.99 3.98
C GLU C 119 -4.52 -35.75 4.43
N SER C 120 -3.78 -35.86 5.52
CA SER C 120 -3.00 -34.74 6.03
C SER C 120 -1.60 -34.77 5.39
N VAL C 121 -0.93 -33.62 5.39
CA VAL C 121 0.31 -33.49 4.65
C VAL C 121 1.31 -32.61 5.38
N ILE C 122 2.60 -32.91 5.24
CA ILE C 122 3.60 -31.92 5.61
C ILE C 122 4.47 -31.63 4.39
N ILE C 123 4.90 -30.38 4.29
CA ILE C 123 5.75 -29.94 3.21
C ILE C 123 7.05 -29.50 3.82
N VAL C 124 8.15 -30.09 3.36
CA VAL C 124 9.45 -29.83 3.91
C VAL C 124 10.34 -29.20 2.86
N GLU C 125 10.98 -28.11 3.25
CA GLU C 125 11.78 -27.29 2.36
C GLU C 125 13.16 -27.14 2.96
N THR C 126 14.18 -27.61 2.25
CA THR C 126 15.54 -27.66 2.77
C THR C 126 16.54 -26.88 1.91
N ALA C 127 17.61 -26.46 2.55
CA ALA C 127 18.67 -25.69 1.91
C ALA C 127 19.54 -26.56 1.00
N THR C 128 19.62 -27.86 1.27
CA THR C 128 20.40 -28.76 0.42
C THR C 128 19.58 -29.98 0.01
N VAL C 129 20.01 -30.58 -1.09
CA VAL C 129 19.43 -31.83 -1.57
C VAL C 129 19.63 -32.97 -0.57
N CYS C 130 20.83 -33.07 0.00
CA CYS C 130 21.09 -34.14 0.97
C CYS C 130 20.15 -34.06 2.17
N ALA C 131 19.90 -32.85 2.66
CA ALA C 131 19.00 -32.65 3.81
C ALA C 131 17.59 -33.19 3.53
N ALA C 132 17.09 -32.96 2.33
CA ALA C 132 15.78 -33.48 1.94
C ALA C 132 15.77 -35.01 1.97
N ILE C 133 16.78 -35.62 1.36
CA ILE C 133 16.83 -37.07 1.27
C ILE C 133 17.03 -37.67 2.67
N ASP C 134 17.88 -37.01 3.45
CA ASP C 134 18.21 -37.46 4.81
C ASP C 134 16.97 -37.42 5.71
N SER C 135 16.30 -36.27 5.70
CA SER C 135 15.04 -36.02 6.43
C SER C 135 13.96 -36.99 6.04
N ALA C 136 13.79 -37.17 4.74
CA ALA C 136 12.75 -38.05 4.24
C ALA C 136 12.96 -39.47 4.72
N ASP C 137 14.20 -39.94 4.61
CA ASP C 137 14.55 -41.28 5.04
C ASP C 137 14.22 -41.47 6.52
N ALA C 138 14.67 -40.54 7.36
CA ALA C 138 14.38 -40.60 8.79
C ALA C 138 12.86 -40.63 9.07
N ALA C 139 12.12 -39.75 8.40
CA ALA C 139 10.68 -39.68 8.57
C ALA C 139 9.98 -40.95 8.12
N LEU C 140 10.35 -41.50 6.98
CA LEU C 140 9.68 -42.68 6.46
C LEU C 140 9.95 -43.89 7.38
N LYS C 141 11.10 -43.89 8.04
CA LYS C 141 11.41 -45.00 8.93
C LYS C 141 10.76 -44.83 10.30
N THR C 142 10.44 -43.61 10.66
CA THR C 142 9.98 -43.33 12.01
C THR C 142 8.45 -43.32 12.11
N ALA C 143 7.76 -42.79 11.10
CA ALA C 143 6.30 -42.70 11.17
C ALA C 143 5.65 -43.29 9.92
N PRO C 144 4.41 -43.77 10.03
CA PRO C 144 3.74 -44.41 8.89
C PRO C 144 3.21 -43.36 7.89
N VAL C 145 4.14 -42.71 7.20
CA VAL C 145 3.84 -41.68 6.22
C VAL C 145 4.26 -42.11 4.82
N VAL C 146 3.74 -41.41 3.80
CA VAL C 146 4.04 -41.73 2.42
C VAL C 146 4.62 -40.51 1.71
N LEU C 147 5.75 -40.74 1.07
CA LEU C 147 6.39 -39.72 0.25
C LEU C 147 5.60 -39.54 -1.03
N ARG C 148 5.14 -38.30 -1.31
CA ARG C 148 4.29 -38.02 -2.47
C ARG C 148 4.93 -37.14 -3.54
N ASP C 149 5.48 -36.01 -3.11
CA ASP C 149 6.11 -35.05 -4.01
C ASP C 149 7.57 -34.91 -3.60
N MET C 150 8.44 -34.70 -4.57
CA MET C 150 9.81 -34.33 -4.27
C MET C 150 10.42 -33.60 -5.48
N ARG C 151 11.24 -32.60 -5.19
CA ARG C 151 11.99 -31.89 -6.23
C ARG C 151 13.33 -31.55 -5.65
N LEU C 152 14.39 -32.04 -6.29
CA LEU C 152 15.73 -31.81 -5.82
C LEU C 152 16.47 -30.81 -6.72
N ALA C 153 16.72 -29.62 -6.19
CA ALA C 153 17.55 -28.58 -6.80
C ALA C 153 16.97 -27.91 -8.04
N ILE C 154 16.52 -28.70 -9.01
CA ILE C 154 16.20 -28.17 -10.34
C ILE C 154 14.99 -27.23 -10.40
N GLY C 155 15.25 -26.02 -10.88
CA GLY C 155 14.19 -25.03 -11.03
C GLY C 155 13.91 -24.30 -9.75
N ILE C 156 14.59 -24.69 -8.67
CA ILE C 156 14.41 -24.04 -7.38
C ILE C 156 15.74 -23.65 -6.74
N ALA C 157 16.69 -23.29 -7.60
CA ALA C 157 17.94 -22.67 -7.18
C ALA C 157 18.77 -23.48 -6.18
N GLY C 158 18.74 -24.81 -6.29
CA GLY C 158 19.58 -25.64 -5.45
C GLY C 158 18.89 -26.12 -4.19
N LYS C 159 17.71 -25.57 -3.89
CA LYS C 159 16.87 -26.03 -2.78
C LYS C 159 16.27 -27.39 -3.05
N ALA C 160 15.60 -27.94 -2.04
CA ALA C 160 14.86 -29.16 -2.23
C ALA C 160 13.60 -29.07 -1.39
N PHE C 161 12.56 -29.78 -1.82
CA PHE C 161 11.40 -29.96 -0.98
C PHE C 161 10.79 -31.31 -1.22
N PHE C 162 9.99 -31.76 -0.26
CA PHE C 162 9.25 -32.99 -0.46
C PHE C 162 8.00 -32.93 0.40
N THR C 163 7.06 -33.78 0.07
CA THR C 163 5.83 -33.86 0.84
C THR C 163 5.64 -35.28 1.36
N LEU C 164 5.08 -35.40 2.56
CA LEU C 164 4.76 -36.68 3.19
C LEU C 164 3.28 -36.62 3.57
N THR C 165 2.52 -37.68 3.31
CA THR C 165 1.14 -37.76 3.74
C THR C 165 0.90 -38.93 4.67
N GLY C 166 -0.21 -38.86 5.38
CA GLY C 166 -0.58 -39.90 6.31
C GLY C 166 -1.66 -39.44 7.25
N GLU C 167 -1.88 -40.22 8.30
CA GLU C 167 -2.81 -39.81 9.33
C GLU C 167 -2.17 -38.63 10.02
N LEU C 168 -3.01 -37.76 10.56
CA LEU C 168 -2.56 -36.50 11.13
C LEU C 168 -1.49 -36.64 12.22
N ALA C 169 -1.69 -37.54 13.20
CA ALA C 169 -0.68 -37.69 14.23
C ALA C 169 0.64 -38.18 13.62
N ASP C 170 0.54 -39.02 12.60
CA ASP C 170 1.70 -39.54 11.90
C ASP C 170 2.54 -38.48 11.17
N VAL C 171 1.92 -37.54 10.46
CA VAL C 171 2.70 -36.55 9.74
C VAL C 171 3.23 -35.55 10.78
N GLU C 172 2.57 -35.43 11.92
CA GLU C 172 3.09 -34.56 12.97
C GLU C 172 4.36 -35.13 13.59
N ALA C 173 4.35 -36.44 13.76
CA ALA C 173 5.50 -37.13 14.32
C ALA C 173 6.66 -37.01 13.33
N ALA C 174 6.39 -37.22 12.05
CA ALA C 174 7.38 -37.07 10.98
C ALA C 174 8.04 -35.71 11.00
N ALA C 175 7.22 -34.67 11.25
CA ALA C 175 7.69 -33.30 11.27
C ALA C 175 8.76 -33.09 12.33
N GLU C 176 8.52 -33.72 13.48
CA GLU C 176 9.46 -33.69 14.59
C GLU C 176 10.80 -34.33 14.19
N VAL C 177 10.70 -35.46 13.51
CA VAL C 177 11.89 -36.20 13.06
C VAL C 177 12.64 -35.41 12.00
N VAL C 178 11.89 -34.80 11.07
CA VAL C 178 12.49 -34.02 9.99
C VAL C 178 13.28 -32.85 10.55
N ARG C 179 12.67 -32.10 11.47
CA ARG C 179 13.35 -30.98 12.09
C ARG C 179 14.65 -31.43 12.74
N GLU C 180 14.61 -32.55 13.46
CA GLU C 180 15.81 -33.03 14.16
C GLU C 180 16.92 -33.38 13.19
N ARG C 181 16.59 -34.14 12.16
CA ARG C 181 17.58 -34.58 11.19
C ARG C 181 18.10 -33.42 10.33
N CYS C 182 17.24 -32.47 9.95
CA CYS C 182 17.70 -31.36 9.10
C CYS C 182 18.59 -30.39 9.84
N GLY C 183 18.28 -30.15 11.11
CA GLY C 183 18.92 -29.07 11.84
C GLY C 183 18.80 -27.76 11.09
N ALA C 184 19.89 -27.01 11.00
CA ALA C 184 19.88 -25.69 10.39
C ALA C 184 19.66 -25.75 8.88
N ARG C 185 19.64 -26.96 8.33
CA ARG C 185 19.42 -27.10 6.89
C ARG C 185 17.94 -26.95 6.52
N LEU C 186 17.06 -27.00 7.53
CA LEU C 186 15.62 -26.81 7.32
C LEU C 186 15.28 -25.35 7.05
N LEU C 187 14.59 -25.10 5.96
CA LEU C 187 14.18 -23.73 5.64
C LEU C 187 12.81 -23.45 6.21
N GLU C 188 11.88 -24.36 5.97
CA GLU C 188 10.51 -24.20 6.38
C GLU C 188 9.83 -25.54 6.32
N LEU C 189 8.94 -25.78 7.28
CA LEU C 189 8.10 -26.97 7.30
C LEU C 189 6.67 -26.53 7.58
N ALA C 190 5.73 -27.01 6.78
CA ALA C 190 4.32 -26.67 6.96
C ALA C 190 3.51 -27.94 7.10
N CYS C 191 2.53 -27.91 7.99
CA CYS C 191 1.63 -29.02 8.16
C CYS C 191 0.20 -28.56 7.89
N ILE C 192 -0.51 -29.30 7.03
CA ILE C 192 -1.89 -29.01 6.74
C ILE C 192 -2.74 -30.24 6.99
N ALA C 193 -3.57 -30.20 8.03
CA ALA C 193 -4.38 -31.33 8.45
C ALA C 193 -5.42 -31.69 7.42
N ARG C 194 -6.04 -30.66 6.85
CA ARG C 194 -7.06 -30.85 5.85
C ARG C 194 -6.90 -29.86 4.70
N PRO C 195 -6.07 -30.23 3.72
CA PRO C 195 -5.96 -29.32 2.55
C PRO C 195 -7.31 -29.19 1.84
N VAL C 196 -7.63 -28.01 1.30
CA VAL C 196 -8.86 -27.85 0.54
C VAL C 196 -8.89 -28.86 -0.59
N ASP C 197 -10.07 -29.21 -1.07
CA ASP C 197 -10.22 -30.19 -2.14
C ASP C 197 -9.41 -29.82 -3.38
N GLU C 198 -9.33 -28.53 -3.68
CA GLU C 198 -8.59 -28.07 -4.85
C GLU C 198 -7.08 -28.32 -4.70
N LEU C 199 -6.59 -28.37 -3.47
CA LEU C 199 -5.18 -28.67 -3.23
C LEU C 199 -5.00 -30.16 -2.92
N ARG C 200 -6.06 -30.82 -2.47
CA ARG C 200 -5.98 -32.22 -2.10
C ARG C 200 -5.62 -33.05 -3.34
N GLY C 201 -4.58 -33.86 -3.21
CA GLY C 201 -4.06 -34.63 -4.33
C GLY C 201 -2.98 -33.85 -5.05
N ARG C 202 -3.33 -32.69 -5.61
CA ARG C 202 -2.34 -31.86 -6.28
C ARG C 202 -2.07 -30.58 -5.48
N LEU C 203 -0.84 -30.43 -5.02
CA LEU C 203 -0.42 -29.26 -4.24
C LEU C 203 0.32 -28.29 -5.14
N PHE C 204 0.87 -28.80 -6.23
CA PHE C 204 1.69 -28.01 -7.14
C PHE C 204 1.14 -28.10 -8.56
N PHE C 205 0.81 -26.96 -9.15
CA PHE C 205 0.32 -26.94 -10.52
C PHE C 205 0.27 -25.53 -11.12
N ALA D 4 -2.98 10.54 -3.29
CA ALA D 4 -3.32 9.13 -3.18
C ALA D 4 -3.34 8.69 -1.70
N PRO D 5 -4.26 7.78 -1.34
CA PRO D 5 -4.51 7.35 0.05
C PRO D 5 -3.41 6.46 0.66
N GLU D 6 -2.67 5.75 -0.17
CA GLU D 6 -1.57 4.92 0.32
C GLU D 6 -0.50 5.75 1.01
N ARG D 7 -0.52 7.07 0.85
CA ARG D 7 0.53 7.90 1.42
C ARG D 7 0.60 7.81 2.95
N PHE D 8 -0.46 7.30 3.59
CA PHE D 8 -0.44 7.10 5.03
C PHE D 8 -0.06 5.66 5.40
N ASP D 9 0.32 4.85 4.42
CA ASP D 9 0.69 3.45 4.72
C ASP D 9 1.90 3.39 5.65
N ALA D 10 1.82 2.55 6.68
CA ALA D 10 2.94 2.43 7.61
C ALA D 10 4.21 1.96 6.90
N THR D 11 4.08 0.94 6.05
CA THR D 11 5.23 0.44 5.30
C THR D 11 5.02 0.53 3.79
N PRO D 12 6.13 0.77 3.05
CA PRO D 12 5.99 0.99 1.62
C PRO D 12 5.52 -0.23 0.84
N PRO D 13 4.75 -0.01 -0.24
CA PRO D 13 4.55 -1.14 -1.15
C PRO D 13 5.90 -1.49 -1.78
N ALA D 14 6.07 -2.71 -2.29
CA ALA D 14 7.32 -3.05 -2.94
C ALA D 14 7.57 -2.03 -4.05
N GLY D 15 8.77 -1.46 -4.07
CA GLY D 15 9.14 -0.50 -5.12
C GLY D 15 9.02 0.96 -4.73
N GLU D 16 8.33 1.25 -3.63
CA GLU D 16 8.23 2.62 -3.14
C GLU D 16 9.29 2.81 -2.06
N PRO D 17 9.84 4.02 -1.92
CA PRO D 17 10.87 4.17 -0.89
C PRO D 17 10.30 4.22 0.52
N ASP D 18 11.16 3.96 1.51
CA ASP D 18 10.75 3.94 2.90
C ASP D 18 10.74 5.38 3.42
N ARG D 19 9.64 5.78 4.04
CA ARG D 19 9.50 7.13 4.59
C ARG D 19 9.04 7.04 6.03
N PRO D 20 9.95 6.65 6.93
CA PRO D 20 9.50 6.33 8.28
C PRO D 20 9.21 7.53 9.17
N ALA D 21 9.84 8.67 8.92
CA ALA D 21 9.77 9.76 9.86
C ALA D 21 8.54 10.67 9.61
N LEU D 22 8.05 11.25 10.69
CA LEU D 22 6.84 12.07 10.66
C LEU D 22 7.13 13.44 11.21
N GLY D 23 6.69 14.45 10.48
CA GLY D 23 6.73 15.83 10.93
C GLY D 23 5.30 16.36 10.94
N VAL D 24 4.95 17.06 11.99
CA VAL D 24 3.61 17.64 12.13
C VAL D 24 3.78 19.06 12.59
N LEU D 25 3.06 19.99 11.94
CA LEU D 25 3.07 21.39 12.33
C LEU D 25 1.63 21.88 12.53
N GLU D 26 1.43 22.59 13.62
CA GLU D 26 0.12 23.04 14.05
C GLU D 26 0.15 24.54 14.14
N LEU D 27 -0.48 25.19 13.17
CA LEU D 27 -0.36 26.62 13.01
C LEU D 27 -1.66 27.37 13.27
N THR D 28 -1.55 28.59 13.78
CA THR D 28 -2.70 29.43 14.09
C THR D 28 -3.27 30.15 12.86
N SER D 29 -2.52 30.11 11.78
CA SER D 29 -2.85 30.81 10.54
C SER D 29 -2.81 29.85 9.36
N ILE D 30 -3.92 29.80 8.64
CA ILE D 30 -4.05 28.98 7.43
C ILE D 30 -3.13 29.52 6.32
N ALA D 31 -3.12 30.84 6.16
CA ALA D 31 -2.27 31.46 5.15
C ALA D 31 -0.81 31.14 5.42
N ARG D 32 -0.39 31.29 6.68
CA ARG D 32 0.97 30.94 7.05
C ARG D 32 1.25 29.46 6.77
N GLY D 33 0.27 28.62 7.05
CA GLY D 33 0.39 27.19 6.82
C GLY D 33 0.81 26.80 5.42
N ILE D 34 0.20 27.46 4.45
CA ILE D 34 0.48 27.19 3.04
C ILE D 34 1.93 27.59 2.71
N THR D 35 2.39 28.72 3.24
CA THR D 35 3.76 29.16 2.97
C THR D 35 4.76 28.27 3.71
N VAL D 36 4.38 27.84 4.90
CA VAL D 36 5.20 26.91 5.67
C VAL D 36 5.35 25.60 4.90
N ALA D 37 4.27 25.07 4.35
CA ALA D 37 4.36 23.85 3.55
C ALA D 37 5.28 24.04 2.35
N ASP D 38 5.09 25.15 1.66
CA ASP D 38 5.91 25.41 0.48
C ASP D 38 7.40 25.43 0.82
N ALA D 39 7.77 26.14 1.87
CA ALA D 39 9.16 26.24 2.27
C ALA D 39 9.75 24.88 2.63
N ALA D 40 8.94 24.08 3.33
CA ALA D 40 9.34 22.76 3.78
C ALA D 40 9.56 21.82 2.62
N LEU D 41 8.71 21.86 1.60
CA LEU D 41 8.87 20.93 0.49
C LEU D 41 9.98 21.43 -0.47
N LYS D 42 10.31 22.71 -0.43
CA LYS D 42 11.43 23.21 -1.24
C LYS D 42 12.78 22.85 -0.63
N ARG D 43 12.82 22.78 0.70
CA ARG D 43 14.06 22.56 1.41
C ARG D 43 14.56 21.14 1.27
N ALA D 44 13.63 20.19 1.37
CA ALA D 44 13.98 18.78 1.36
C ALA D 44 12.85 17.95 0.76
N PRO D 45 13.19 16.78 0.20
CA PRO D 45 12.16 16.03 -0.51
C PRO D 45 11.23 15.21 0.41
N SER D 46 10.79 15.81 1.51
CA SER D 46 9.71 15.24 2.35
C SER D 46 8.43 15.11 1.53
N LEU D 47 7.60 14.15 1.90
CA LEU D 47 6.32 13.93 1.24
C LEU D 47 5.20 14.57 2.06
N LEU D 48 4.46 15.50 1.48
CA LEU D 48 3.36 16.17 2.19
C LEU D 48 2.16 15.24 2.32
N LEU D 49 1.66 15.05 3.53
CA LEU D 49 0.53 14.16 3.77
C LEU D 49 -0.80 14.90 3.83
N MET D 50 -0.79 16.06 4.49
CA MET D 50 -1.96 16.90 4.53
C MET D 50 -1.57 18.34 4.74
N SER D 51 -2.46 19.21 4.29
CA SER D 51 -2.37 20.63 4.46
C SER D 51 -3.82 21.07 4.67
N ARG D 52 -4.21 21.19 5.93
CA ARG D 52 -5.61 21.13 6.29
C ARG D 52 -6.01 22.19 7.29
N PRO D 53 -6.97 23.07 6.91
CA PRO D 53 -7.60 23.88 7.94
C PRO D 53 -8.43 22.99 8.85
N VAL D 54 -8.41 23.22 10.15
CA VAL D 54 -9.20 22.44 11.09
C VAL D 54 -9.82 23.32 12.17
N CYS D 55 -10.73 22.71 12.93
CA CYS D 55 -11.46 23.43 13.94
C CYS D 55 -10.59 24.21 14.91
N SER D 56 -11.17 25.35 15.26
CA SER D 56 -10.58 26.44 16.04
C SER D 56 -9.97 27.43 15.04
N GLY D 57 -9.91 27.03 13.76
CA GLY D 57 -9.30 27.86 12.72
C GLY D 57 -7.78 27.72 12.60
N LYS D 58 -7.22 26.63 13.09
CA LYS D 58 -5.79 26.42 12.89
C LYS D 58 -5.55 25.61 11.62
N HIS D 59 -4.27 25.44 11.26
CA HIS D 59 -3.90 24.71 10.07
C HIS D 59 -2.99 23.57 10.46
N LEU D 60 -3.28 22.38 9.95
CA LEU D 60 -2.51 21.17 10.27
C LEU D 60 -1.74 20.72 9.04
N LEU D 61 -0.42 20.70 9.18
CA LEU D 61 0.51 20.14 8.19
C LEU D 61 1.14 18.86 8.72
N MET D 62 1.10 17.80 7.91
CA MET D 62 1.90 16.60 8.17
C MET D 62 2.75 16.26 6.96
N MET D 63 3.94 15.74 7.22
CA MET D 63 4.81 15.28 6.17
C MET D 63 5.53 14.02 6.63
N ARG D 64 5.99 13.21 5.68
CA ARG D 64 6.83 12.06 6.01
C ARG D 64 8.03 11.98 5.08
N GLY D 65 9.04 11.21 5.47
CA GLY D 65 10.22 11.08 4.64
C GLY D 65 11.29 10.31 5.40
N GLN D 66 12.50 10.32 4.85
CA GLN D 66 13.64 9.90 5.62
C GLN D 66 13.86 10.86 6.76
N VAL D 67 14.45 10.33 7.82
CA VAL D 67 14.80 11.07 9.03
C VAL D 67 15.50 12.38 8.71
N ALA D 68 16.52 12.34 7.87
CA ALA D 68 17.28 13.53 7.57
C ALA D 68 16.45 14.53 6.75
N GLU D 69 15.61 14.00 5.87
CA GLU D 69 14.71 14.81 5.04
C GLU D 69 13.69 15.57 5.86
N VAL D 70 12.98 14.84 6.73
CA VAL D 70 11.98 15.45 7.58
C VAL D 70 12.69 16.45 8.49
N GLU D 71 13.90 16.10 8.93
CA GLU D 71 14.66 17.02 9.78
C GLU D 71 14.92 18.37 9.11
N GLU D 72 15.28 18.35 7.83
CA GLU D 72 15.59 19.57 7.11
C GLU D 72 14.34 20.38 6.76
N SER D 73 13.30 19.68 6.29
CA SER D 73 12.01 20.31 6.03
C SER D 73 11.45 21.02 7.27
N MET D 74 11.57 20.38 8.43
CA MET D 74 11.03 20.95 9.64
C MET D 74 11.81 22.20 10.06
N ILE D 75 13.12 22.20 9.83
CA ILE D 75 13.91 23.39 10.13
C ILE D 75 13.41 24.60 9.34
N ALA D 76 13.18 24.39 8.05
CA ALA D 76 12.71 25.44 7.16
C ALA D 76 11.29 25.85 7.56
N ALA D 77 10.48 24.86 7.92
CA ALA D 77 9.09 25.12 8.30
C ALA D 77 9.03 26.05 9.52
N ARG D 78 9.87 25.78 10.51
CA ARG D 78 9.90 26.58 11.74
C ARG D 78 10.31 28.01 11.48
N GLU D 79 11.27 28.20 10.58
CA GLU D 79 11.72 29.54 10.27
C GLU D 79 10.56 30.36 9.77
N ILE D 80 9.82 29.82 8.82
CA ILE D 80 8.70 30.54 8.23
C ILE D 80 7.56 30.70 9.24
N ALA D 81 7.25 29.62 9.95
CA ALA D 81 6.17 29.63 10.93
C ALA D 81 6.39 30.66 12.03
N GLY D 82 7.65 30.90 12.36
CA GLY D 82 7.99 31.80 13.45
C GLY D 82 8.18 33.23 13.02
N ALA D 83 8.03 33.48 11.73
CA ALA D 83 8.21 34.83 11.19
C ALA D 83 7.19 35.78 11.76
N GLY D 84 7.60 37.04 11.93
CA GLY D 84 6.71 38.06 12.45
C GLY D 84 6.22 37.75 13.85
N SER D 85 4.91 37.77 14.03
CA SER D 85 4.33 37.42 15.31
C SER D 85 4.30 35.92 15.59
N GLY D 86 5.02 35.13 14.82
CA GLY D 86 4.94 33.68 14.90
C GLY D 86 3.54 33.05 14.87
N ALA D 87 3.45 31.88 14.26
CA ALA D 87 2.18 31.19 14.07
C ALA D 87 2.21 29.73 14.47
N LEU D 88 3.32 29.26 15.02
CA LEU D 88 3.43 27.84 15.34
C LEU D 88 2.89 27.59 16.75
N LEU D 89 1.79 26.86 16.84
CA LEU D 89 1.20 26.52 18.13
C LEU D 89 1.88 25.29 18.75
N ASP D 90 2.13 24.30 17.93
CA ASP D 90 2.83 23.11 18.36
C ASP D 90 3.48 22.38 17.19
N GLU D 91 4.43 21.51 17.49
CA GLU D 91 5.07 20.70 16.47
C GLU D 91 5.47 19.34 16.99
N LEU D 92 5.70 18.42 16.06
CA LEU D 92 6.17 17.07 16.39
C LEU D 92 7.13 16.60 15.31
N GLU D 93 8.26 16.04 15.74
CA GLU D 93 9.17 15.35 14.82
C GLU D 93 9.55 13.98 15.37
N LEU D 94 9.16 12.94 14.64
CA LEU D 94 9.43 11.55 15.00
C LEU D 94 10.31 10.83 13.99
N PRO D 95 11.50 10.32 14.42
CA PRO D 95 12.37 9.62 13.46
C PRO D 95 11.61 8.45 12.85
N TYR D 96 10.69 7.96 13.66
CA TYR D 96 9.96 6.76 13.39
C TYR D 96 8.57 6.95 14.04
N ALA D 97 7.48 6.70 13.33
CA ALA D 97 6.15 6.72 13.97
C ALA D 97 5.63 5.29 14.06
N HIS D 98 5.11 4.92 15.23
CA HIS D 98 4.67 3.55 15.44
C HIS D 98 3.68 3.09 14.35
N GLU D 99 3.86 1.86 13.89
CA GLU D 99 3.04 1.33 12.80
C GLU D 99 1.55 1.52 13.02
N GLN D 100 1.06 1.37 14.27
CA GLN D 100 -0.38 1.46 14.53
C GLN D 100 -0.93 2.86 14.30
N LEU D 101 -0.10 3.87 14.51
CA LEU D 101 -0.49 5.27 14.44
C LEU D 101 -0.82 5.78 13.03
N TRP D 102 -0.15 5.26 12.01
CA TRP D 102 -0.31 5.79 10.65
C TRP D 102 -1.75 5.83 10.17
N ARG D 103 -2.53 4.79 10.48
CA ARG D 103 -3.88 4.71 9.95
C ARG D 103 -4.88 5.62 10.69
N PHE D 104 -4.44 6.29 11.75
CA PHE D 104 -5.29 7.20 12.51
C PHE D 104 -5.02 8.68 12.18
N LEU D 105 -4.03 8.94 11.34
CA LEU D 105 -3.64 10.33 11.09
C LEU D 105 -4.64 11.08 10.22
N ASP D 106 -5.20 10.42 9.21
CA ASP D 106 -5.96 11.09 8.16
C ASP D 106 -7.36 11.52 8.59
N ALA D 107 -8.00 10.72 9.42
CA ALA D 107 -9.38 11.01 9.81
C ALA D 107 -9.68 10.47 11.20
N PRO D 108 -10.70 11.01 11.89
CA PRO D 108 -11.17 10.46 13.16
C PRO D 108 -11.53 8.99 13.01
N VAL D 109 -11.23 8.18 14.03
CA VAL D 109 -11.52 6.75 13.98
C VAL D 109 -12.28 6.36 15.25
N VAL D 110 -13.38 5.64 15.07
CA VAL D 110 -14.12 5.06 16.20
C VAL D 110 -14.14 3.54 16.06
N ALA D 111 -13.70 2.83 17.10
CA ALA D 111 -13.67 1.38 17.07
C ALA D 111 -15.09 0.82 17.22
N ASP D 112 -15.40 -0.20 16.42
CA ASP D 112 -16.70 -0.87 16.46
C ASP D 112 -16.75 -2.08 17.38
N ALA D 113 -15.63 -2.77 17.52
CA ALA D 113 -15.62 -4.02 18.26
C ALA D 113 -14.28 -4.30 18.91
N TRP D 114 -14.26 -4.10 20.22
CA TRP D 114 -13.17 -4.43 21.11
C TRP D 114 -13.53 -5.70 21.87
N GLU D 115 -13.00 -6.84 21.44
CA GLU D 115 -13.49 -8.15 21.91
C GLU D 115 -12.92 -8.62 23.24
N GLU D 116 -11.59 -8.63 23.33
CA GLU D 116 -10.88 -9.21 24.49
C GLU D 116 -11.48 -8.79 25.85
N ASP D 117 -11.93 -9.79 26.61
CA ASP D 117 -12.74 -9.59 27.81
C ASP D 117 -12.00 -8.93 28.97
N THR D 118 -10.73 -9.24 29.14
CA THR D 118 -9.99 -8.82 30.32
C THR D 118 -9.39 -7.45 30.14
N GLU D 119 -9.87 -6.75 29.11
CA GLU D 119 -9.20 -5.59 28.54
C GLU D 119 -9.67 -4.25 29.16
N SER D 120 -8.71 -3.45 29.64
CA SER D 120 -8.93 -2.11 30.20
C SER D 120 -8.65 -0.99 29.18
N VAL D 121 -9.05 0.24 29.49
CA VAL D 121 -8.87 1.36 28.54
C VAL D 121 -8.39 2.62 29.24
N ILE D 122 -7.53 3.40 28.57
CA ILE D 122 -7.31 4.77 29.01
C ILE D 122 -7.71 5.70 27.88
N ILE D 123 -8.26 6.85 28.27
CA ILE D 123 -8.72 7.87 27.32
C ILE D 123 -7.84 9.07 27.58
N VAL D 124 -7.16 9.55 26.54
CA VAL D 124 -6.22 10.65 26.69
C VAL D 124 -6.78 11.84 25.94
N GLU D 125 -6.79 12.99 26.60
CA GLU D 125 -7.37 14.20 26.06
C GLU D 125 -6.34 15.32 26.14
N THR D 126 -5.97 15.89 25.00
CA THR D 126 -4.89 16.87 24.94
C THR D 126 -5.31 18.20 24.33
N ALA D 127 -4.55 19.24 24.66
CA ALA D 127 -4.82 20.61 24.17
C ALA D 127 -4.43 20.80 22.70
N THR D 128 -3.48 20.01 22.21
CA THR D 128 -3.06 20.11 20.81
C THR D 128 -3.06 18.74 20.14
N VAL D 129 -3.14 18.78 18.82
CA VAL D 129 -3.03 17.58 18.00
C VAL D 129 -1.65 16.93 18.15
N CYS D 130 -0.58 17.73 18.13
CA CYS D 130 0.75 17.19 18.23
C CYS D 130 0.90 16.42 19.55
N ALA D 131 0.33 16.94 20.66
CA ALA D 131 0.43 16.24 21.96
C ALA D 131 -0.16 14.86 21.90
N ALA D 132 -1.32 14.77 21.23
CA ALA D 132 -2.00 13.49 21.04
C ALA D 132 -1.14 12.51 20.26
N ILE D 133 -0.59 12.96 19.13
CA ILE D 133 0.18 12.08 18.26
C ILE D 133 1.47 11.67 18.97
N ASP D 134 2.06 12.63 19.64
CA ASP D 134 3.32 12.48 20.35
C ASP D 134 3.18 11.48 21.49
N SER D 135 2.14 11.69 22.29
CA SER D 135 1.75 10.80 23.41
C SER D 135 1.45 9.38 22.99
N ALA D 136 0.61 9.26 21.97
CA ALA D 136 0.18 7.96 21.48
C ALA D 136 1.39 7.19 20.96
N ASP D 137 2.24 7.85 20.20
CA ASP D 137 3.42 7.20 19.70
C ASP D 137 4.30 6.63 20.82
N ALA D 138 4.63 7.47 21.81
CA ALA D 138 5.45 7.08 22.93
C ALA D 138 4.88 5.91 23.71
N ALA D 139 3.58 5.99 23.99
CA ALA D 139 2.90 4.93 24.66
C ALA D 139 2.93 3.62 23.88
N LEU D 140 2.71 3.71 22.57
CA LEU D 140 2.66 2.50 21.75
C LEU D 140 4.02 1.81 21.67
N LYS D 141 5.08 2.60 21.81
CA LYS D 141 6.43 2.04 21.74
C LYS D 141 6.89 1.48 23.08
N THR D 142 6.27 1.92 24.18
CA THR D 142 6.67 1.57 25.54
C THR D 142 5.87 0.42 26.14
N ALA D 143 4.56 0.41 25.90
CA ALA D 143 3.67 -0.55 26.54
C ALA D 143 2.94 -1.35 25.49
N PRO D 144 2.58 -2.60 25.81
CA PRO D 144 1.91 -3.42 24.79
C PRO D 144 0.41 -3.09 24.72
N VAL D 145 0.13 -1.89 24.19
CA VAL D 145 -1.22 -1.38 24.05
C VAL D 145 -1.64 -1.24 22.58
N VAL D 146 -2.93 -1.12 22.37
CA VAL D 146 -3.51 -0.98 21.06
C VAL D 146 -4.32 0.32 20.95
N LEU D 147 -3.98 1.13 19.96
CA LEU D 147 -4.73 2.35 19.66
C LEU D 147 -6.08 1.99 19.03
N ARG D 148 -7.16 2.44 19.66
CA ARG D 148 -8.51 2.09 19.19
C ARG D 148 -9.29 3.27 18.60
N ASP D 149 -9.32 4.40 19.32
CA ASP D 149 -10.06 5.60 18.89
C ASP D 149 -9.12 6.79 18.80
N MET D 150 -9.35 7.70 17.86
CA MET D 150 -8.60 8.95 17.86
C MET D 150 -9.42 10.03 17.12
N ARG D 151 -9.31 11.26 17.61
CA ARG D 151 -9.92 12.40 16.95
C ARG D 151 -8.98 13.57 17.13
N LEU D 152 -8.53 14.11 15.99
CA LEU D 152 -7.61 15.24 15.95
C LEU D 152 -8.31 16.52 15.48
N ALA D 153 -8.50 17.44 16.43
CA ALA D 153 -9.03 18.81 16.24
C ALA D 153 -10.50 18.89 15.85
N ILE D 154 -10.89 18.14 14.81
CA ILE D 154 -12.16 18.37 14.13
C ILE D 154 -13.42 18.09 14.99
N GLY D 155 -14.25 19.12 15.14
CA GLY D 155 -15.48 18.99 15.87
C GLY D 155 -15.28 19.11 17.37
N ILE D 156 -14.03 19.25 17.79
CA ILE D 156 -13.72 19.41 19.21
C ILE D 156 -12.81 20.60 19.43
N ALA D 157 -13.00 21.63 18.61
CA ALA D 157 -12.37 22.92 18.84
C ALA D 157 -10.85 22.86 18.96
N GLY D 158 -10.21 21.96 18.21
CA GLY D 158 -8.76 21.93 18.17
C GLY D 158 -8.08 21.00 19.18
N LYS D 159 -8.87 20.49 20.11
CA LYS D 159 -8.38 19.52 21.05
C LYS D 159 -8.12 18.21 20.33
N ALA D 160 -7.56 17.23 21.03
CA ALA D 160 -7.42 15.91 20.47
C ALA D 160 -7.66 14.90 21.59
N PHE D 161 -8.09 13.70 21.21
CA PHE D 161 -8.11 12.60 22.15
C PHE D 161 -7.87 11.27 21.46
N PHE D 162 -7.48 10.26 22.24
CA PHE D 162 -7.32 8.93 21.68
C PHE D 162 -7.51 7.93 22.81
N THR D 163 -7.76 6.68 22.45
CA THR D 163 -7.91 5.62 23.44
C THR D 163 -6.86 4.53 23.21
N LEU D 164 -6.38 3.95 24.32
CA LEU D 164 -5.45 2.85 24.30
C LEU D 164 -6.03 1.73 25.15
N THR D 165 -6.00 0.50 24.64
CA THR D 165 -6.46 -0.65 25.41
C THR D 165 -5.33 -1.65 25.65
N GLY D 166 -5.55 -2.48 26.67
CA GLY D 166 -4.61 -3.50 27.05
C GLY D 166 -4.94 -3.97 28.46
N GLU D 167 -4.06 -4.76 29.04
CA GLU D 167 -4.24 -5.13 30.43
C GLU D 167 -4.03 -3.90 31.26
N LEU D 168 -4.64 -3.88 32.43
CA LEU D 168 -4.58 -2.75 33.31
C LEU D 168 -3.15 -2.28 33.53
N ALA D 169 -2.21 -3.22 33.76
CA ALA D 169 -0.84 -2.86 33.96
C ALA D 169 -0.26 -2.22 32.69
N ASP D 170 -0.71 -2.72 31.52
CA ASP D 170 -0.28 -2.17 30.22
C ASP D 170 -0.72 -0.72 30.05
N VAL D 171 -1.99 -0.43 30.34
CA VAL D 171 -2.48 0.92 30.11
C VAL D 171 -1.97 1.81 31.22
N GLU D 172 -1.66 1.25 32.39
CA GLU D 172 -1.05 2.07 33.44
C GLU D 172 0.36 2.48 33.06
N ALA D 173 1.10 1.55 32.43
CA ALA D 173 2.45 1.86 31.96
C ALA D 173 2.34 2.93 30.88
N ALA D 174 1.43 2.72 29.94
CA ALA D 174 1.17 3.72 28.89
C ALA D 174 0.84 5.09 29.47
N ALA D 175 -0.02 5.13 30.48
CA ALA D 175 -0.46 6.40 31.05
C ALA D 175 0.70 7.18 31.64
N GLU D 176 1.64 6.50 32.29
CA GLU D 176 2.82 7.19 32.80
C GLU D 176 3.63 7.86 31.66
N VAL D 177 3.79 7.17 30.54
CA VAL D 177 4.52 7.70 29.38
C VAL D 177 3.75 8.89 28.79
N VAL D 178 2.43 8.76 28.72
CA VAL D 178 1.58 9.82 28.16
C VAL D 178 1.74 11.12 28.96
N ARG D 179 1.66 11.01 30.28
CA ARG D 179 1.83 12.15 31.16
C ARG D 179 3.18 12.80 30.95
N GLU D 180 4.22 11.99 30.83
CA GLU D 180 5.57 12.51 30.68
C GLU D 180 5.67 13.32 29.38
N ARG D 181 5.21 12.74 28.27
CA ARG D 181 5.35 13.39 26.97
C ARG D 181 4.45 14.62 26.79
N CYS D 182 3.23 14.57 27.30
CA CYS D 182 2.30 15.69 27.12
C CYS D 182 2.71 16.91 27.92
N GLY D 183 3.23 16.67 29.11
CA GLY D 183 3.42 17.74 30.08
C GLY D 183 2.09 18.48 30.27
N ALA D 184 2.16 19.80 30.25
CA ALA D 184 1.00 20.65 30.50
C ALA D 184 -0.02 20.58 29.35
N ARG D 185 0.31 19.89 28.27
CA ARG D 185 -0.63 19.74 27.18
C ARG D 185 -1.69 18.69 27.48
N LEU D 186 -1.46 17.89 28.51
CA LEU D 186 -2.46 16.90 28.91
C LEU D 186 -3.61 17.61 29.61
N LEU D 187 -4.83 17.42 29.12
CA LEU D 187 -6.01 18.05 29.72
C LEU D 187 -6.63 17.13 30.75
N GLU D 188 -6.75 15.86 30.38
CA GLU D 188 -7.37 14.86 31.22
C GLU D 188 -6.95 13.49 30.75
N LEU D 189 -6.71 12.59 31.69
CA LEU D 189 -6.45 11.19 31.39
C LEU D 189 -7.29 10.33 32.31
N ALA D 190 -8.06 9.44 31.70
CA ALA D 190 -8.96 8.59 32.45
C ALA D 190 -8.68 7.15 32.17
N CYS D 191 -8.77 6.36 33.22
CA CYS D 191 -8.60 4.91 33.12
C CYS D 191 -9.87 4.22 33.58
N ILE D 192 -10.37 3.32 32.75
CA ILE D 192 -11.50 2.46 33.11
C ILE D 192 -11.04 0.99 32.98
N ALA D 193 -10.90 0.32 34.12
CA ALA D 193 -10.38 -1.06 34.14
C ALA D 193 -11.36 -2.05 33.50
N ARG D 194 -12.67 -1.87 33.73
CA ARG D 194 -13.66 -2.75 33.10
C ARG D 194 -14.84 -1.92 32.60
N PRO D 195 -14.76 -1.45 31.35
CA PRO D 195 -15.86 -0.70 30.76
C PRO D 195 -17.14 -1.52 30.73
N VAL D 196 -18.28 -0.87 30.92
CA VAL D 196 -19.57 -1.55 30.84
C VAL D 196 -19.72 -2.20 29.48
N ASP D 197 -20.48 -3.28 29.40
CA ASP D 197 -20.79 -3.87 28.11
C ASP D 197 -21.58 -2.88 27.24
N GLY D 201 -16.99 -2.49 24.93
CA GLY D 201 -16.77 -2.48 23.49
C GLY D 201 -16.52 -1.09 22.95
N ARG D 202 -17.58 -0.45 22.46
CA ARG D 202 -17.50 0.90 21.89
C ARG D 202 -17.49 1.92 23.04
N LEU D 203 -17.27 3.20 22.73
CA LEU D 203 -17.23 4.26 23.76
C LEU D 203 -17.93 5.57 23.37
N PHE D 204 -18.01 5.83 22.08
CA PHE D 204 -18.55 7.09 21.57
C PHE D 204 -19.67 6.80 20.61
N PHE D 205 -20.85 7.35 20.87
CA PHE D 205 -21.97 7.18 19.95
C PHE D 205 -23.09 8.17 20.29
N ARG E 7 -33.80 3.77 19.78
CA ARG E 7 -33.64 4.00 21.20
C ARG E 7 -34.08 5.40 21.62
N PHE E 8 -34.22 6.28 20.64
CA PHE E 8 -34.68 7.64 20.89
C PHE E 8 -36.20 7.74 20.73
N ASP E 9 -36.89 6.60 20.58
CA ASP E 9 -38.33 6.61 20.38
C ASP E 9 -39.10 7.25 21.54
N ALA E 10 -40.08 8.10 21.21
CA ALA E 10 -40.89 8.79 22.21
C ALA E 10 -41.65 7.83 23.11
N THR E 11 -42.23 6.80 22.49
CA THR E 11 -42.97 5.77 23.22
C THR E 11 -42.18 4.49 22.99
N PRO E 12 -42.18 3.57 23.98
CA PRO E 12 -41.30 2.42 23.76
C PRO E 12 -41.77 1.54 22.62
N PRO E 13 -40.83 0.93 21.88
CA PRO E 13 -41.24 -0.09 20.91
C PRO E 13 -41.87 -1.28 21.61
N ALA E 14 -42.61 -2.10 20.88
CA ALA E 14 -43.25 -3.28 21.45
C ALA E 14 -42.20 -4.13 22.18
N GLY E 15 -42.49 -4.46 23.43
CA GLY E 15 -41.63 -5.33 24.21
C GLY E 15 -40.63 -4.63 25.12
N GLU E 16 -40.45 -3.32 24.93
CA GLU E 16 -39.53 -2.58 25.78
C GLU E 16 -40.24 -1.95 26.98
N PRO E 17 -39.54 -1.85 28.12
CA PRO E 17 -40.19 -1.24 29.29
C PRO E 17 -40.27 0.27 29.12
N ASP E 18 -41.13 0.93 29.89
CA ASP E 18 -41.31 2.36 29.74
C ASP E 18 -40.17 3.08 30.43
N ARG E 19 -39.54 3.97 29.69
CA ARG E 19 -38.38 4.71 30.17
C ARG E 19 -38.62 6.19 29.92
N PRO E 20 -39.49 6.81 30.72
CA PRO E 20 -39.94 8.18 30.43
C PRO E 20 -38.92 9.24 30.81
N ALA E 21 -38.00 8.90 31.71
CA ALA E 21 -37.09 9.91 32.24
C ALA E 21 -35.83 10.06 31.36
N LEU E 22 -35.36 11.30 31.27
CA LEU E 22 -34.21 11.69 30.50
C LEU E 22 -33.22 12.33 31.44
N GLY E 23 -31.96 11.91 31.35
CA GLY E 23 -30.88 12.53 32.09
C GLY E 23 -29.89 13.01 31.05
N VAL E 24 -29.40 14.24 31.21
CA VAL E 24 -28.43 14.81 30.27
C VAL E 24 -27.29 15.39 31.08
N LEU E 25 -26.07 15.08 30.68
CA LEU E 25 -24.90 15.66 31.32
C LEU E 25 -24.02 16.28 30.25
N GLU E 26 -23.54 17.48 30.56
CA GLU E 26 -22.82 18.33 29.66
C GLU E 26 -21.47 18.61 30.31
N LEU E 27 -20.41 17.97 29.82
CA LEU E 27 -19.12 17.98 30.47
C LEU E 27 -18.05 18.74 29.67
N THR E 28 -17.10 19.35 30.38
CA THR E 28 -16.04 20.10 29.72
C THR E 28 -14.91 19.21 29.21
N SER E 29 -14.92 17.94 29.62
CA SER E 29 -13.89 16.97 29.30
C SER E 29 -14.47 15.68 28.73
N ILE E 30 -13.96 15.29 27.57
CA ILE E 30 -14.35 14.05 26.91
C ILE E 30 -13.89 12.84 27.72
N ALA E 31 -12.67 12.86 28.22
CA ALA E 31 -12.17 11.77 29.05
C ALA E 31 -13.04 11.64 30.31
N ARG E 32 -13.31 12.76 30.97
CA ARG E 32 -14.18 12.74 32.15
C ARG E 32 -15.57 12.20 31.84
N GLY E 33 -16.10 12.61 30.70
CA GLY E 33 -17.40 12.18 30.20
C GLY E 33 -17.53 10.68 30.07
N ILE E 34 -16.48 10.04 29.57
CA ILE E 34 -16.47 8.60 29.40
C ILE E 34 -16.56 7.92 30.76
N THR E 35 -15.84 8.45 31.74
CA THR E 35 -15.83 7.89 33.08
C THR E 35 -17.17 8.14 33.78
N VAL E 36 -17.75 9.31 33.55
CA VAL E 36 -19.06 9.63 34.08
C VAL E 36 -20.10 8.66 33.53
N ALA E 37 -20.05 8.42 32.22
CA ALA E 37 -20.98 7.46 31.61
C ALA E 37 -20.85 6.08 32.23
N ASP E 38 -19.62 5.65 32.43
CA ASP E 38 -19.34 4.35 33.03
C ASP E 38 -19.94 4.25 34.44
N ALA E 39 -19.68 5.25 35.27
CA ALA E 39 -20.18 5.28 36.62
C ALA E 39 -21.71 5.24 36.68
N ALA E 40 -22.33 5.99 35.77
CA ALA E 40 -23.77 6.14 35.68
C ALA E 40 -24.45 4.83 35.35
N LEU E 41 -23.85 4.11 34.40
CA LEU E 41 -24.43 2.87 33.88
C LEU E 41 -24.18 1.68 34.78
N LYS E 42 -23.14 1.76 35.59
CA LYS E 42 -22.88 0.74 36.60
C LYS E 42 -23.76 0.89 37.86
N ARG E 43 -24.20 2.12 38.15
CA ARG E 43 -24.97 2.35 39.38
C ARG E 43 -26.38 1.84 39.27
N ALA E 44 -26.97 2.06 38.09
CA ALA E 44 -28.34 1.73 37.86
C ALA E 44 -28.57 1.39 36.39
N PRO E 45 -29.58 0.55 36.09
CA PRO E 45 -29.74 0.09 34.71
C PRO E 45 -30.39 1.11 33.74
N SER E 46 -29.98 2.36 33.84
CA SER E 46 -30.34 3.37 32.84
C SER E 46 -29.81 2.96 31.46
N LEU E 47 -30.52 3.40 30.42
CA LEU E 47 -30.15 3.15 29.03
C LEU E 47 -29.36 4.33 28.44
N LEU E 48 -28.16 4.06 27.95
CA LEU E 48 -27.34 5.11 27.35
C LEU E 48 -27.84 5.47 25.94
N LEU E 49 -28.15 6.74 25.70
CA LEU E 49 -28.61 7.17 24.38
C LEU E 49 -27.48 7.72 23.53
N MET E 50 -26.61 8.50 24.15
CA MET E 50 -25.45 9.02 23.46
C MET E 50 -24.36 9.35 24.46
N SER E 51 -23.13 9.29 23.97
CA SER E 51 -21.95 9.68 24.71
C SER E 51 -21.01 10.22 23.61
N ARG E 52 -21.02 11.55 23.45
CA ARG E 52 -20.60 12.22 22.22
C ARG E 52 -19.74 13.45 22.45
N PRO E 53 -18.51 13.50 21.88
CA PRO E 53 -17.86 14.80 21.84
C PRO E 53 -18.64 15.73 20.91
N VAL E 54 -18.75 17.00 21.26
CA VAL E 54 -19.48 17.95 20.42
C VAL E 54 -18.74 19.27 20.38
N CYS E 55 -19.15 20.15 19.46
CA CYS E 55 -18.46 21.41 19.27
C CYS E 55 -18.30 22.24 20.53
N SER E 56 -17.14 22.88 20.53
CA SER E 56 -16.54 23.61 21.63
C SER E 56 -15.62 22.66 22.38
N GLY E 57 -15.69 21.37 22.06
CA GLY E 57 -14.91 20.35 22.74
C GLY E 57 -15.52 19.80 24.02
N LYS E 58 -16.84 19.92 24.12
CA LYS E 58 -17.59 19.37 25.23
C LYS E 58 -17.96 17.92 25.00
N HIS E 59 -18.45 17.26 26.04
CA HIS E 59 -18.92 15.90 25.91
C HIS E 59 -20.37 15.88 26.36
N LEU E 60 -21.21 15.26 25.55
CA LEU E 60 -22.64 15.21 25.78
C LEU E 60 -23.05 13.78 26.07
N LEU E 61 -23.59 13.57 27.27
CA LEU E 61 -24.15 12.30 27.69
C LEU E 61 -25.66 12.43 27.83
N MET E 62 -26.41 11.49 27.26
CA MET E 62 -27.82 11.35 27.55
C MET E 62 -28.13 9.92 27.90
N MET E 63 -29.03 9.75 28.86
CA MET E 63 -29.53 8.45 29.26
C MET E 63 -31.04 8.56 29.47
N ARG E 64 -31.71 7.42 29.37
CA ARG E 64 -33.11 7.33 29.75
C ARG E 64 -33.35 6.07 30.54
N GLY E 65 -34.47 6.06 31.25
CA GLY E 65 -34.85 4.94 32.07
C GLY E 65 -36.09 5.27 32.87
N GLN E 66 -36.39 4.40 33.82
CA GLN E 66 -37.40 4.70 34.82
C GLN E 66 -36.87 5.85 35.67
N VAL E 67 -37.78 6.62 36.24
CA VAL E 67 -37.40 7.75 37.08
C VAL E 67 -36.37 7.39 38.17
N ALA E 68 -36.56 6.29 38.88
CA ALA E 68 -35.63 5.94 39.97
C ALA E 68 -34.24 5.55 39.43
N GLU E 69 -34.23 4.95 38.25
CA GLU E 69 -33.01 4.55 37.57
C GLU E 69 -32.15 5.73 37.15
N VAL E 70 -32.76 6.68 36.44
CA VAL E 70 -32.07 7.87 36.00
C VAL E 70 -31.64 8.66 37.23
N GLU E 71 -32.49 8.71 38.25
CA GLU E 71 -32.13 9.44 39.46
C GLU E 71 -30.85 8.87 40.05
N GLU E 72 -30.77 7.54 40.10
CA GLU E 72 -29.62 6.89 40.71
C GLU E 72 -28.38 7.06 39.82
N SER E 73 -28.53 6.86 38.52
CA SER E 73 -27.43 7.07 37.57
C SER E 73 -26.86 8.48 37.62
N MET E 74 -27.74 9.48 37.69
CA MET E 74 -27.32 10.87 37.69
C MET E 74 -26.57 11.23 38.99
N ILE E 75 -26.97 10.63 40.11
CA ILE E 75 -26.23 10.82 41.35
C ILE E 75 -24.79 10.34 41.17
N ALA E 76 -24.62 9.15 40.60
CA ALA E 76 -23.28 8.61 40.40
C ALA E 76 -22.50 9.49 39.43
N ALA E 77 -23.18 9.91 38.38
CA ALA E 77 -22.56 10.74 37.35
C ALA E 77 -22.02 12.04 37.94
N ARG E 78 -22.82 12.70 38.79
CA ARG E 78 -22.41 13.96 39.40
C ARG E 78 -21.19 13.83 40.25
N GLU E 79 -21.09 12.74 41.01
CA GLU E 79 -19.94 12.52 41.89
C GLU E 79 -18.65 12.49 41.05
N ILE E 80 -18.66 11.70 40.00
CA ILE E 80 -17.51 11.59 39.14
C ILE E 80 -17.31 12.88 38.35
N ALA E 81 -18.40 13.43 37.82
CA ALA E 81 -18.30 14.65 37.01
C ALA E 81 -17.67 15.79 37.81
N GLY E 82 -17.98 15.84 39.11
CA GLY E 82 -17.54 16.91 39.97
C GLY E 82 -16.20 16.69 40.66
N ALA E 83 -15.60 15.52 40.46
CA ALA E 83 -14.33 15.18 41.09
C ALA E 83 -13.20 16.09 40.61
N GLY E 84 -12.23 16.34 41.50
CA GLY E 84 -11.12 17.20 41.18
C GLY E 84 -11.60 18.61 40.92
N SER E 85 -11.19 19.20 39.80
CA SER E 85 -11.66 20.53 39.43
C SER E 85 -13.09 20.59 38.90
N GLY E 86 -13.77 19.45 38.86
CA GLY E 86 -15.10 19.39 38.28
C GLY E 86 -15.13 19.70 36.78
N ALA E 87 -16.00 18.98 36.07
CA ALA E 87 -16.12 19.11 34.62
C ALA E 87 -17.56 19.26 34.18
N LEU E 88 -18.48 19.40 35.13
CA LEU E 88 -19.88 19.49 34.77
C LEU E 88 -20.28 20.91 34.43
N LEU E 89 -20.63 21.13 33.17
CA LEU E 89 -21.05 22.45 32.71
C LEU E 89 -22.54 22.67 32.95
N ASP E 90 -23.35 21.67 32.65
CA ASP E 90 -24.78 21.75 32.92
C ASP E 90 -25.33 20.34 33.06
N GLU E 91 -26.53 20.22 33.60
CA GLU E 91 -27.20 18.94 33.71
C GLU E 91 -28.70 19.14 33.60
N LEU E 92 -29.38 18.06 33.27
CA LEU E 92 -30.83 18.05 33.19
C LEU E 92 -31.33 16.69 33.62
N GLU E 93 -32.37 16.71 34.45
CA GLU E 93 -33.07 15.49 34.76
C GLU E 93 -34.57 15.74 34.60
N LEU E 94 -35.19 15.09 33.61
CA LEU E 94 -36.61 15.19 33.34
C LEU E 94 -37.30 13.86 33.56
N PRO E 95 -38.16 13.76 34.60
CA PRO E 95 -38.84 12.48 34.89
C PRO E 95 -39.70 12.03 33.73
N TYR E 96 -40.18 12.97 32.94
CA TYR E 96 -41.13 12.67 31.88
C TYR E 96 -40.88 13.64 30.72
N ALA E 97 -39.99 13.28 29.82
CA ALA E 97 -39.64 14.19 28.75
C ALA E 97 -40.74 14.17 27.72
N HIS E 98 -41.12 15.36 27.25
CA HIS E 98 -42.22 15.52 26.31
C HIS E 98 -42.00 14.68 25.05
N GLU E 99 -43.05 14.03 24.60
CA GLU E 99 -43.00 13.17 23.42
C GLU E 99 -42.38 13.82 22.18
N GLN E 100 -42.59 15.11 21.97
CA GLN E 100 -42.05 15.78 20.80
C GLN E 100 -40.53 15.88 20.81
N LEU E 101 -39.95 15.89 22.01
CA LEU E 101 -38.52 16.11 22.14
C LEU E 101 -37.66 14.99 21.62
N TRP E 102 -38.16 13.78 21.77
CA TRP E 102 -37.35 12.58 21.55
C TRP E 102 -36.71 12.50 20.16
N ARG E 103 -37.43 12.88 19.10
CA ARG E 103 -36.88 12.75 17.76
C ARG E 103 -35.89 13.88 17.45
N PHE E 104 -35.74 14.83 18.36
CA PHE E 104 -34.81 15.96 18.15
C PHE E 104 -33.48 15.83 18.90
N LEU E 105 -33.33 14.78 19.70
CA LEU E 105 -32.15 14.66 20.53
C LEU E 105 -30.91 14.26 19.74
N ASP E 106 -31.05 13.38 18.76
CA ASP E 106 -29.89 12.71 18.16
C ASP E 106 -29.10 13.59 17.19
N ALA E 107 -29.80 14.42 16.43
CA ALA E 107 -29.16 15.22 15.39
C ALA E 107 -29.94 16.52 15.13
N PRO E 108 -29.26 17.52 14.54
CA PRO E 108 -29.94 18.76 14.12
C PRO E 108 -31.11 18.46 13.19
N VAL E 109 -32.20 19.20 13.39
CA VAL E 109 -33.39 19.05 12.57
C VAL E 109 -33.76 20.41 12.03
N VAL E 110 -33.95 20.49 10.72
CA VAL E 110 -34.48 21.69 10.08
C VAL E 110 -35.79 21.33 9.42
N ALA E 111 -36.81 22.12 9.73
CA ALA E 111 -38.15 21.94 9.19
C ALA E 111 -38.24 22.40 7.73
N ASP E 112 -39.00 21.65 6.94
CA ASP E 112 -39.25 21.97 5.53
C ASP E 112 -40.50 22.83 5.36
N ALA E 113 -41.47 22.60 6.23
CA ALA E 113 -42.78 23.23 6.13
C ALA E 113 -43.47 23.26 7.50
N TRP E 114 -44.33 24.25 7.71
CA TRP E 114 -45.17 24.28 8.91
C TRP E 114 -46.59 23.78 8.60
N GLU E 119 -49.39 30.85 11.07
CA GLU E 119 -48.66 30.29 12.20
C GLU E 119 -47.50 31.19 12.62
N SER E 120 -47.38 31.42 13.92
CA SER E 120 -46.32 32.23 14.50
C SER E 120 -45.16 31.34 15.00
N VAL E 121 -44.00 31.94 15.26
CA VAL E 121 -42.79 31.18 15.66
C VAL E 121 -42.01 31.91 16.75
N ILE E 122 -41.41 31.15 17.68
CA ILE E 122 -40.37 31.72 18.52
C ILE E 122 -39.10 30.93 18.28
N ILE E 123 -37.99 31.64 18.34
CA ILE E 123 -36.68 31.06 18.19
C ILE E 123 -35.96 31.27 19.49
N VAL E 124 -35.52 30.19 20.10
CA VAL E 124 -34.89 30.24 21.41
C VAL E 124 -33.42 29.84 21.27
N GLU E 125 -32.53 30.65 21.83
CA GLU E 125 -31.09 30.43 21.71
C GLU E 125 -30.48 30.41 23.12
N THR E 126 -29.86 29.29 23.47
CA THR E 126 -29.36 29.06 24.83
C THR E 126 -27.86 28.81 24.89
N ALA E 127 -27.28 29.04 26.06
CA ALA E 127 -25.85 28.88 26.24
C ALA E 127 -25.44 27.43 26.34
N THR E 128 -26.35 26.56 26.81
CA THR E 128 -26.07 25.13 26.95
C THR E 128 -27.15 24.29 26.27
N VAL E 129 -26.76 23.08 25.95
CA VAL E 129 -27.67 22.08 25.41
C VAL E 129 -28.78 21.76 26.40
N CYS E 130 -28.43 21.57 27.68
CA CYS E 130 -29.42 21.23 28.68
C CYS E 130 -30.49 22.30 28.78
N ALA E 131 -30.10 23.57 28.73
CA ALA E 131 -31.05 24.69 28.78
C ALA E 131 -32.07 24.61 27.66
N ALA E 132 -31.62 24.28 26.45
CA ALA E 132 -32.52 24.13 25.31
C ALA E 132 -33.55 23.01 25.57
N ILE E 133 -33.08 21.85 26.00
CA ILE E 133 -33.95 20.70 26.17
C ILE E 133 -34.94 20.95 27.32
N ASP E 134 -34.42 21.53 28.39
CA ASP E 134 -35.17 21.84 29.59
C ASP E 134 -36.30 22.84 29.33
N SER E 135 -35.92 23.96 28.73
CA SER E 135 -36.86 25.02 28.37
C SER E 135 -37.87 24.52 27.33
N ALA E 136 -37.39 23.77 26.34
CA ALA E 136 -38.28 23.23 25.31
C ALA E 136 -39.34 22.29 25.94
N ASP E 137 -38.92 21.42 26.86
CA ASP E 137 -39.86 20.53 27.52
C ASP E 137 -40.93 21.34 28.25
N ALA E 138 -40.50 22.31 29.05
CA ALA E 138 -41.41 23.17 29.79
C ALA E 138 -42.40 23.88 28.86
N ALA E 139 -41.89 24.41 27.75
CA ALA E 139 -42.73 25.10 26.79
C ALA E 139 -43.77 24.18 26.15
N LEU E 140 -43.36 22.97 25.77
CA LEU E 140 -44.27 22.05 25.10
C LEU E 140 -45.39 21.60 26.04
N LYS E 141 -45.12 21.60 27.34
CA LYS E 141 -46.09 21.19 28.34
C LYS E 141 -47.03 22.35 28.72
N THR E 142 -46.62 23.58 28.40
CA THR E 142 -47.32 24.79 28.80
C THR E 142 -48.35 25.27 27.79
N ALA E 143 -48.01 25.21 26.50
CA ALA E 143 -48.89 25.66 25.43
C ALA E 143 -48.89 24.65 24.30
N PRO E 144 -49.98 24.60 23.52
CA PRO E 144 -49.98 23.60 22.44
C PRO E 144 -49.16 24.07 21.24
N VAL E 145 -47.84 24.04 21.42
CA VAL E 145 -46.90 24.46 20.39
C VAL E 145 -46.16 23.26 19.80
N VAL E 146 -45.52 23.48 18.66
CA VAL E 146 -44.83 22.41 17.95
C VAL E 146 -43.35 22.73 17.75
N LEU E 147 -42.50 21.79 18.17
CA LEU E 147 -41.07 21.87 17.96
C LEU E 147 -40.74 21.60 16.49
N ARG E 148 -40.10 22.58 15.84
CA ARG E 148 -39.81 22.48 14.41
C ARG E 148 -38.32 22.32 14.08
N ASP E 149 -37.50 23.20 14.65
CA ASP E 149 -36.07 23.19 14.40
C ASP E 149 -35.36 22.96 15.73
N MET E 150 -34.22 22.29 15.70
CA MET E 150 -33.38 22.24 16.87
C MET E 150 -31.95 21.92 16.46
N ARG E 151 -31.00 22.54 17.14
CA ARG E 151 -29.59 22.25 16.91
C ARG E 151 -28.88 22.32 18.24
N LEU E 152 -28.30 21.19 18.65
CA LEU E 152 -27.61 21.10 19.93
C LEU E 152 -26.11 21.02 19.71
N ALA E 153 -25.43 22.10 20.07
CA ALA E 153 -23.97 22.22 20.09
C ALA E 153 -23.31 22.24 18.70
N ILE E 154 -23.63 21.28 17.86
CA ILE E 154 -22.85 20.99 16.66
C ILE E 154 -22.88 22.11 15.62
N GLY E 155 -21.71 22.63 15.30
CA GLY E 155 -21.58 23.67 14.29
C GLY E 155 -21.86 25.06 14.80
N ILE E 156 -22.27 25.17 16.06
CA ILE E 156 -22.56 26.48 16.65
C ILE E 156 -21.83 26.61 18.00
N ALA E 157 -20.63 26.04 18.06
CA ALA E 157 -19.71 26.22 19.19
C ALA E 157 -20.30 25.88 20.56
N GLY E 158 -21.17 24.88 20.62
CA GLY E 158 -21.68 24.43 21.91
C GLY E 158 -22.97 25.05 22.39
N LYS E 159 -23.43 26.11 21.70
CA LYS E 159 -24.72 26.71 21.98
C LYS E 159 -25.80 25.77 21.52
N ALA E 160 -27.04 26.16 21.76
CA ALA E 160 -28.16 25.39 21.27
C ALA E 160 -29.27 26.36 20.86
N PHE E 161 -30.09 25.93 19.92
CA PHE E 161 -31.31 26.68 19.64
C PHE E 161 -32.43 25.75 19.21
N PHE E 162 -33.66 26.26 19.33
CA PHE E 162 -34.81 25.52 18.83
C PHE E 162 -35.91 26.51 18.46
N THR E 163 -36.84 26.04 17.66
CA THR E 163 -37.99 26.82 17.28
C THR E 163 -39.28 26.13 17.67
N LEU E 164 -40.24 26.96 18.05
CA LEU E 164 -41.58 26.51 18.38
C LEU E 164 -42.58 27.32 17.55
N THR E 165 -43.54 26.64 16.93
CA THR E 165 -44.62 27.32 16.24
C THR E 165 -45.99 27.00 16.83
N GLY E 166 -46.94 27.88 16.52
CA GLY E 166 -48.30 27.76 17.00
C GLY E 166 -49.04 29.06 16.80
N GLU E 167 -50.21 29.18 17.42
CA GLU E 167 -50.96 30.42 17.40
C GLU E 167 -50.15 31.43 18.18
N LEU E 168 -50.30 32.69 17.86
CA LEU E 168 -49.50 33.73 18.52
C LEU E 168 -49.56 33.71 20.05
N ALA E 169 -50.76 33.61 20.61
CA ALA E 169 -50.87 33.62 22.05
C ALA E 169 -50.19 32.40 22.67
N ASP E 170 -50.26 31.27 21.97
CA ASP E 170 -49.62 30.03 22.40
C ASP E 170 -48.08 30.16 22.47
N VAL E 171 -47.46 30.74 21.43
CA VAL E 171 -46.00 30.81 21.46
C VAL E 171 -45.57 31.90 22.47
N GLU E 172 -46.43 32.88 22.73
CA GLU E 172 -46.13 33.88 23.77
C GLU E 172 -46.15 33.28 25.16
N ALA E 173 -47.13 32.39 25.38
CA ALA E 173 -47.22 31.70 26.66
C ALA E 173 -45.97 30.83 26.84
N ALA E 174 -45.62 30.09 25.81
CA ALA E 174 -44.39 29.28 25.81
C ALA E 174 -43.14 30.11 26.07
N ALA E 175 -43.04 31.27 25.47
CA ALA E 175 -41.86 32.12 25.63
C ALA E 175 -41.67 32.54 27.09
N GLU E 176 -42.77 32.83 27.81
CA GLU E 176 -42.65 33.20 29.22
C GLU E 176 -42.02 32.10 30.04
N VAL E 177 -42.48 30.88 29.81
CA VAL E 177 -41.97 29.71 30.51
C VAL E 177 -40.52 29.43 30.13
N VAL E 178 -40.18 29.63 28.87
CA VAL E 178 -38.81 29.45 28.40
C VAL E 178 -37.87 30.37 29.17
N ARG E 179 -38.26 31.64 29.30
CA ARG E 179 -37.44 32.61 30.02
C ARG E 179 -37.18 32.16 31.44
N GLU E 180 -38.25 31.75 32.13
CA GLU E 180 -38.17 31.33 33.51
C GLU E 180 -37.33 30.07 33.68
N ARG E 181 -37.55 29.08 32.83
CA ARG E 181 -36.82 27.83 32.92
C ARG E 181 -35.33 28.04 32.56
N CYS E 182 -35.05 28.86 31.55
CA CYS E 182 -33.62 29.07 31.15
C CYS E 182 -32.84 29.90 32.15
N GLY E 183 -33.49 30.91 32.73
CA GLY E 183 -32.76 31.91 33.49
C GLY E 183 -31.66 32.53 32.67
N ALA E 184 -30.49 32.63 33.29
CA ALA E 184 -29.33 33.29 32.67
C ALA E 184 -28.76 32.47 31.52
N ARG E 185 -29.25 31.25 31.34
CA ARG E 185 -28.78 30.44 30.22
C ARG E 185 -29.43 30.89 28.91
N LEU E 186 -30.47 31.71 28.97
CA LEU E 186 -31.09 32.22 27.75
C LEU E 186 -30.19 33.27 27.12
N LEU E 187 -29.85 33.09 25.85
CA LEU E 187 -29.03 34.08 25.14
C LEU E 187 -29.91 35.08 24.43
N GLU E 188 -30.91 34.57 23.72
CA GLU E 188 -31.82 35.40 22.95
C GLU E 188 -33.08 34.61 22.67
N LEU E 189 -34.22 35.30 22.70
CA LEU E 189 -35.47 34.71 22.31
C LEU E 189 -36.15 35.70 21.38
N ALA E 190 -36.54 35.21 20.21
CA ALA E 190 -37.18 36.06 19.22
C ALA E 190 -38.57 35.52 18.97
N CYS E 191 -39.53 36.43 18.86
CA CYS E 191 -40.87 36.04 18.50
C CYS E 191 -41.24 36.77 17.21
N ILE E 192 -41.67 36.00 16.23
CA ILE E 192 -42.14 36.57 14.98
C ILE E 192 -43.60 36.18 14.75
N ALA E 193 -44.50 37.16 14.94
CA ALA E 193 -45.93 36.90 14.87
C ALA E 193 -46.33 36.53 13.47
N ARG E 194 -45.76 37.21 12.47
CA ARG E 194 -46.08 36.91 11.08
C ARG E 194 -44.83 36.93 10.20
N PRO E 195 -44.17 35.77 10.10
CA PRO E 195 -42.99 35.69 9.25
C PRO E 195 -43.32 36.02 7.80
N VAL E 196 -42.42 36.70 7.08
CA VAL E 196 -42.62 36.92 5.64
C VAL E 196 -42.87 35.61 4.96
N ASP E 197 -43.61 35.67 3.85
CA ASP E 197 -43.95 34.48 3.09
C ASP E 197 -42.72 33.69 2.70
N GLU E 198 -41.63 34.41 2.40
CA GLU E 198 -40.38 33.79 1.98
C GLU E 198 -39.73 32.94 3.07
N LEU E 199 -40.02 33.25 4.32
CA LEU E 199 -39.44 32.56 5.45
C LEU E 199 -40.34 31.44 6.00
N ARG E 200 -41.63 31.49 5.69
CA ARG E 200 -42.55 30.49 6.21
C ARG E 200 -42.24 29.07 5.76
N GLY E 201 -42.16 28.17 6.73
CA GLY E 201 -41.84 26.78 6.43
C GLY E 201 -40.36 26.53 6.41
N ARG E 202 -39.56 27.54 6.09
CA ARG E 202 -38.11 27.38 6.10
C ARG E 202 -37.37 28.61 6.67
N LEU E 203 -36.79 28.46 7.83
CA LEU E 203 -36.08 29.56 8.49
C LEU E 203 -34.59 29.41 8.25
N PHE E 204 -34.18 28.18 7.97
CA PHE E 204 -32.78 27.87 7.79
C PHE E 204 -32.60 27.20 6.44
N PHE E 205 -31.72 27.80 5.62
CA PHE E 205 -31.46 27.30 4.28
C PHE E 205 -30.20 27.94 3.69
N PRO F 5 -32.39 27.75 -5.84
CA PRO F 5 -31.21 26.92 -6.17
C PRO F 5 -30.43 27.52 -7.33
N GLU F 6 -31.17 28.00 -8.33
CA GLU F 6 -30.61 28.83 -9.39
C GLU F 6 -30.31 30.22 -8.81
N ARG F 7 -30.73 30.46 -7.57
CA ARG F 7 -30.62 31.78 -6.95
C ARG F 7 -29.18 32.30 -6.77
N PHE F 8 -28.15 31.45 -6.87
CA PHE F 8 -26.78 31.92 -6.81
C PHE F 8 -26.18 32.14 -8.21
N ASP F 9 -26.97 32.01 -9.26
CA ASP F 9 -26.46 32.18 -10.62
C ASP F 9 -25.89 33.58 -10.85
N ALA F 10 -24.70 33.68 -11.43
CA ALA F 10 -24.08 34.98 -11.70
C ALA F 10 -24.91 35.86 -12.63
N THR F 11 -25.39 35.26 -13.72
CA THR F 11 -26.27 36.00 -14.61
C THR F 11 -27.58 35.22 -14.80
N PRO F 12 -28.70 35.96 -14.95
CA PRO F 12 -30.04 35.39 -15.15
C PRO F 12 -30.18 34.75 -16.53
N PRO F 13 -31.06 33.74 -16.67
CA PRO F 13 -31.36 33.30 -18.04
C PRO F 13 -32.05 34.43 -18.83
N ALA F 14 -32.01 34.34 -20.15
CA ALA F 14 -32.63 35.36 -21.01
C ALA F 14 -34.11 35.58 -20.65
N GLY F 15 -34.47 36.84 -20.44
CA GLY F 15 -35.84 37.21 -20.15
C GLY F 15 -36.13 37.32 -18.67
N GLU F 16 -35.25 36.78 -17.83
CA GLU F 16 -35.41 36.87 -16.38
C GLU F 16 -34.56 38.05 -15.88
N PRO F 17 -34.99 38.71 -14.80
CA PRO F 17 -34.25 39.89 -14.35
C PRO F 17 -32.96 39.60 -13.60
N ASP F 18 -32.04 40.55 -13.66
CA ASP F 18 -30.75 40.46 -12.97
C ASP F 18 -30.83 41.05 -11.55
N ARG F 19 -30.12 40.41 -10.64
CA ARG F 19 -30.04 40.86 -9.26
C ARG F 19 -28.55 41.03 -8.92
N PRO F 20 -27.97 42.16 -9.36
CA PRO F 20 -26.51 42.34 -9.35
C PRO F 20 -25.92 42.68 -7.98
N ALA F 21 -26.72 43.23 -7.08
CA ALA F 21 -26.22 43.72 -5.81
C ALA F 21 -26.29 42.62 -4.74
N LEU F 22 -25.34 42.65 -3.80
CA LEU F 22 -25.21 41.65 -2.75
C LEU F 22 -25.20 42.30 -1.38
N GLY F 23 -25.97 41.73 -0.44
CA GLY F 23 -25.89 42.16 0.94
C GLY F 23 -25.57 40.96 1.82
N VAL F 24 -24.68 41.14 2.77
CA VAL F 24 -24.30 40.07 3.69
C VAL F 24 -24.36 40.62 5.09
N LEU F 25 -24.94 39.83 5.99
CA LEU F 25 -25.01 40.19 7.39
C LEU F 25 -24.44 39.03 8.21
N GLU F 26 -23.59 39.38 9.16
CA GLU F 26 -22.89 38.41 9.98
C GLU F 26 -23.25 38.70 11.43
N LEU F 27 -24.09 37.85 12.02
CA LEU F 27 -24.66 38.12 13.34
C LEU F 27 -24.16 37.15 14.41
N THR F 28 -24.08 37.63 15.64
CA THR F 28 -23.64 36.81 16.77
C THR F 28 -24.77 35.96 17.33
N SER F 29 -26.00 36.21 16.87
CA SER F 29 -27.18 35.51 17.40
C SER F 29 -28.04 34.91 16.28
N ILE F 30 -28.29 33.62 16.36
CA ILE F 30 -29.15 32.93 15.41
C ILE F 30 -30.61 33.45 15.54
N ALA F 31 -31.09 33.63 16.77
CA ALA F 31 -32.44 34.17 16.95
C ALA F 31 -32.57 35.56 16.35
N ARG F 32 -31.61 36.44 16.63
CA ARG F 32 -31.61 37.76 16.02
C ARG F 32 -31.56 37.70 14.50
N GLY F 33 -30.75 36.77 13.98
CA GLY F 33 -30.60 36.57 12.54
C GLY F 33 -31.91 36.33 11.80
N ILE F 34 -32.78 35.51 12.40
CA ILE F 34 -34.06 35.23 11.77
C ILE F 34 -34.93 36.51 11.75
N THR F 35 -34.92 37.29 12.84
CA THR F 35 -35.72 38.51 12.92
C THR F 35 -35.17 39.56 11.97
N VAL F 36 -33.85 39.59 11.82
CA VAL F 36 -33.19 40.49 10.89
C VAL F 36 -33.61 40.13 9.46
N ALA F 37 -33.61 38.85 9.13
CA ALA F 37 -34.03 38.41 7.81
C ALA F 37 -35.47 38.82 7.53
N ASP F 38 -36.34 38.58 8.49
CA ASP F 38 -37.76 38.91 8.37
C ASP F 38 -37.96 40.40 8.12
N ALA F 39 -37.32 41.23 8.93
CA ALA F 39 -37.37 42.68 8.75
C ALA F 39 -36.80 43.13 7.39
N ALA F 40 -35.72 42.50 6.93
CA ALA F 40 -35.08 42.89 5.68
C ALA F 40 -36.01 42.67 4.48
N LEU F 41 -36.70 41.55 4.49
CA LEU F 41 -37.58 41.20 3.41
C LEU F 41 -38.92 41.89 3.52
N LYS F 42 -39.34 42.27 4.74
CA LYS F 42 -40.60 43.02 4.84
C LYS F 42 -40.37 44.44 4.30
N ARG F 43 -39.15 44.95 4.43
CA ARG F 43 -38.84 46.31 4.00
C ARG F 43 -38.72 46.41 2.49
N ALA F 44 -38.03 45.46 1.86
CA ALA F 44 -37.85 45.54 0.42
C ALA F 44 -37.72 44.12 -0.15
N PRO F 45 -38.13 43.94 -1.40
CA PRO F 45 -38.20 42.59 -1.97
C PRO F 45 -36.83 42.03 -2.46
N SER F 46 -35.79 42.17 -1.66
CA SER F 46 -34.50 41.49 -1.93
C SER F 46 -34.73 39.99 -1.94
N LEU F 47 -33.87 39.24 -2.63
CA LEU F 47 -33.99 37.80 -2.68
C LEU F 47 -33.04 37.21 -1.64
N LEU F 48 -33.58 36.48 -0.68
CA LEU F 48 -32.77 35.90 0.39
C LEU F 48 -32.03 34.67 -0.13
N LEU F 49 -30.72 34.66 0.00
CA LEU F 49 -29.90 33.56 -0.52
C LEU F 49 -29.61 32.49 0.51
N MET F 50 -29.36 32.91 1.74
CA MET F 50 -29.14 31.95 2.82
C MET F 50 -29.46 32.55 4.18
N SER F 51 -29.76 31.65 5.10
CA SER F 51 -30.01 31.99 6.49
C SER F 51 -29.52 30.82 7.31
N ARG F 52 -28.28 30.89 7.77
CA ARG F 52 -27.66 29.68 8.29
C ARG F 52 -26.75 29.96 9.48
N PRO F 53 -26.93 29.18 10.55
CA PRO F 53 -25.92 29.22 11.59
C PRO F 53 -24.61 28.67 11.04
N VAL F 54 -23.50 29.24 11.47
CA VAL F 54 -22.21 28.75 11.03
C VAL F 54 -21.28 28.73 12.21
N CYS F 55 -20.14 28.08 12.04
CA CYS F 55 -19.21 27.88 13.14
C CYS F 55 -18.82 29.11 13.87
N SER F 56 -18.65 28.83 15.15
CA SER F 56 -18.37 29.79 16.18
C SER F 56 -19.72 30.21 16.74
N GLY F 57 -20.80 29.73 16.13
CA GLY F 57 -22.17 30.07 16.56
C GLY F 57 -22.74 31.38 16.04
N LYS F 58 -22.22 31.90 14.94
CA LYS F 58 -22.78 33.11 14.35
C LYS F 58 -23.87 32.71 13.36
N HIS F 59 -24.56 33.71 12.82
CA HIS F 59 -25.59 33.48 11.83
C HIS F 59 -25.27 34.29 10.59
N LEU F 60 -25.36 33.65 9.43
CA LEU F 60 -25.00 34.27 8.16
C LEU F 60 -26.23 34.45 7.29
N LEU F 61 -26.50 35.71 6.94
CA LEU F 61 -27.54 36.07 5.99
C LEU F 61 -26.91 36.64 4.72
N MET F 62 -27.33 36.17 3.56
CA MET F 62 -27.00 36.85 2.30
C MET F 62 -28.28 37.10 1.52
N MET F 63 -28.30 38.22 0.81
CA MET F 63 -29.40 38.55 -0.06
C MET F 63 -28.86 39.15 -1.36
N ARG F 64 -29.64 39.08 -2.42
CA ARG F 64 -29.30 39.80 -3.63
C ARG F 64 -30.54 40.50 -4.15
N GLY F 65 -30.32 41.46 -5.03
CA GLY F 65 -31.42 42.23 -5.60
C GLY F 65 -30.89 43.34 -6.49
N GLN F 66 -31.81 44.21 -6.91
CA GLN F 66 -31.44 45.44 -7.57
C GLN F 66 -30.72 46.26 -6.53
N VAL F 67 -29.88 47.17 -6.99
CA VAL F 67 -29.13 48.07 -6.12
C VAL F 67 -29.99 48.71 -5.02
N ALA F 68 -31.14 49.27 -5.39
CA ALA F 68 -31.95 50.00 -4.44
C ALA F 68 -32.61 49.11 -3.39
N GLU F 69 -33.02 47.92 -3.83
CA GLU F 69 -33.66 46.93 -2.97
C GLU F 69 -32.73 46.48 -1.85
N VAL F 70 -31.52 46.11 -2.23
CA VAL F 70 -30.55 45.63 -1.26
C VAL F 70 -30.25 46.75 -0.27
N GLU F 71 -30.13 47.96 -0.77
CA GLU F 71 -29.83 49.10 0.07
C GLU F 71 -30.87 49.29 1.16
N GLU F 72 -32.13 49.17 0.75
CA GLU F 72 -33.24 49.39 1.66
C GLU F 72 -33.40 48.22 2.66
N SER F 73 -33.31 46.99 2.18
CA SER F 73 -33.36 45.81 3.07
C SER F 73 -32.25 45.84 4.15
N MET F 74 -31.06 46.27 3.76
CA MET F 74 -29.92 46.35 4.68
C MET F 74 -30.08 47.42 5.75
N ILE F 75 -30.72 48.53 5.40
CA ILE F 75 -31.04 49.55 6.39
C ILE F 75 -31.92 48.95 7.48
N ALA F 76 -32.95 48.22 7.08
CA ALA F 76 -33.85 47.60 8.03
C ALA F 76 -33.12 46.53 8.85
N ALA F 77 -32.25 45.79 8.16
CA ALA F 77 -31.47 44.72 8.80
C ALA F 77 -30.57 45.28 9.90
N ARG F 78 -29.85 46.35 9.56
CA ARG F 78 -28.91 46.98 10.50
C ARG F 78 -29.61 47.49 11.74
N GLU F 79 -30.77 48.10 11.55
CA GLU F 79 -31.53 48.59 12.70
C GLU F 79 -31.89 47.46 13.64
N ILE F 80 -32.43 46.36 13.10
CA ILE F 80 -32.83 45.24 13.95
C ILE F 80 -31.59 44.54 14.55
N ALA F 81 -30.57 44.30 13.72
CA ALA F 81 -29.36 43.64 14.17
C ALA F 81 -28.68 44.43 15.28
N GLY F 82 -28.80 45.76 15.23
CA GLY F 82 -28.11 46.61 16.19
C GLY F 82 -28.90 46.91 17.44
N ALA F 83 -30.11 46.40 17.52
CA ALA F 83 -30.97 46.65 18.66
C ALA F 83 -30.41 46.07 19.96
N GLY F 84 -30.72 46.73 21.07
CA GLY F 84 -30.23 46.30 22.38
C GLY F 84 -28.73 46.36 22.48
N SER F 85 -28.14 45.26 22.92
CA SER F 85 -26.69 45.15 23.02
C SER F 85 -25.98 45.02 21.67
N GLY F 86 -26.76 44.86 20.60
CA GLY F 86 -26.23 44.67 19.26
C GLY F 86 -25.74 43.26 18.98
N ALA F 87 -26.02 42.80 17.77
CA ALA F 87 -25.67 41.45 17.37
C ALA F 87 -24.97 41.40 16.01
N LEU F 88 -24.69 42.55 15.42
CA LEU F 88 -24.05 42.58 14.11
C LEU F 88 -22.54 42.52 14.27
N LEU F 89 -21.95 41.44 13.78
CA LEU F 89 -20.49 41.29 13.82
C LEU F 89 -19.85 41.99 12.62
N ASP F 90 -20.46 41.81 11.45
CA ASP F 90 -19.98 42.49 10.24
C ASP F 90 -21.10 42.55 9.20
N GLU F 91 -20.92 43.42 8.22
CA GLU F 91 -21.85 43.51 7.11
C GLU F 91 -21.11 43.90 5.84
N LEU F 92 -21.75 43.60 4.72
CA LEU F 92 -21.23 43.93 3.42
C LEU F 92 -22.38 44.31 2.53
N GLU F 93 -22.22 45.41 1.80
CA GLU F 93 -23.14 45.77 0.73
C GLU F 93 -22.33 46.08 -0.54
N LEU F 94 -22.56 45.28 -1.58
CA LEU F 94 -21.90 45.49 -2.86
C LEU F 94 -22.93 45.76 -3.96
N PRO F 95 -22.96 46.99 -4.50
CA PRO F 95 -23.94 47.29 -5.54
C PRO F 95 -23.76 46.40 -6.76
N TYR F 96 -22.53 45.93 -6.98
CA TYR F 96 -22.26 45.20 -8.19
C TYR F 96 -21.23 44.13 -7.86
N ALA F 97 -21.72 42.96 -7.50
CA ALA F 97 -20.81 41.90 -7.07
C ALA F 97 -20.13 41.29 -8.27
N HIS F 98 -18.82 41.08 -8.17
CA HIS F 98 -18.06 40.52 -9.28
C HIS F 98 -18.66 39.18 -9.68
N GLU F 99 -18.82 38.95 -10.97
CA GLU F 99 -19.43 37.72 -11.47
C GLU F 99 -18.81 36.42 -10.94
N GLN F 100 -17.48 36.41 -10.74
CA GLN F 100 -16.78 35.20 -10.28
C GLN F 100 -17.20 34.78 -8.88
N LEU F 101 -17.65 35.77 -8.12
CA LEU F 101 -17.93 35.62 -6.71
C LEU F 101 -19.16 34.75 -6.43
N TRP F 102 -20.17 34.84 -7.29
CA TRP F 102 -21.48 34.22 -7.02
C TRP F 102 -21.40 32.72 -6.74
N ARG F 103 -20.48 32.07 -7.44
CA ARG F 103 -20.29 30.63 -7.42
C ARG F 103 -19.63 30.13 -6.14
N PHE F 104 -19.06 31.05 -5.38
CA PHE F 104 -18.35 30.74 -4.16
C PHE F 104 -19.11 31.02 -2.87
N LEU F 105 -20.31 31.59 -2.97
CA LEU F 105 -21.02 32.01 -1.77
C LEU F 105 -21.62 30.85 -0.96
N ASP F 106 -22.19 29.87 -1.65
CA ASP F 106 -23.05 28.87 -1.02
C ASP F 106 -22.29 27.82 -0.23
N ALA F 107 -21.13 27.45 -0.73
CA ALA F 107 -20.38 26.38 -0.07
C ALA F 107 -18.89 26.53 -0.30
N PRO F 108 -18.09 25.95 0.61
CA PRO F 108 -16.63 25.90 0.41
C PRO F 108 -16.26 25.29 -0.94
N VAL F 109 -15.24 25.87 -1.55
CA VAL F 109 -14.77 25.41 -2.84
C VAL F 109 -13.28 25.19 -2.76
N VAL F 110 -12.84 24.02 -3.23
CA VAL F 110 -11.43 23.73 -3.36
C VAL F 110 -11.16 23.45 -4.84
N ALA F 111 -10.18 24.16 -5.40
CA ALA F 111 -9.84 23.97 -6.81
C ALA F 111 -9.08 22.67 -6.98
N ASP F 112 -9.36 21.98 -8.09
CA ASP F 112 -8.72 20.71 -8.40
C ASP F 112 -7.42 20.95 -9.17
N ALA F 113 -7.44 21.99 -9.99
CA ALA F 113 -6.35 22.30 -10.88
C ALA F 113 -6.41 23.78 -11.24
N TRP F 114 -5.26 24.40 -11.48
CA TRP F 114 -5.22 25.77 -11.98
C TRP F 114 -5.02 25.79 -13.49
N GLU F 119 1.71 29.69 -12.46
CA GLU F 119 0.78 30.68 -11.94
C GLU F 119 1.13 30.90 -10.48
N SER F 120 1.14 32.15 -10.08
CA SER F 120 1.42 32.52 -8.72
C SER F 120 0.10 32.61 -7.93
N VAL F 121 0.18 32.66 -6.60
CA VAL F 121 -1.04 32.61 -5.76
C VAL F 121 -0.92 33.51 -4.55
N ILE F 122 -2.04 34.12 -4.12
CA ILE F 122 -2.06 34.68 -2.79
C ILE F 122 -3.18 34.00 -2.00
N ILE F 123 -2.93 33.83 -0.72
CA ILE F 123 -3.89 33.24 0.21
C ILE F 123 -4.25 34.30 1.22
N VAL F 124 -5.55 34.58 1.34
CA VAL F 124 -6.05 35.65 2.19
C VAL F 124 -6.91 35.06 3.30
N GLU F 125 -6.60 35.45 4.53
CA GLU F 125 -7.25 34.91 5.71
C GLU F 125 -7.81 36.07 6.52
N THR F 126 -9.13 36.08 6.70
CA THR F 126 -9.80 37.20 7.35
C THR F 126 -10.57 36.77 8.61
N ALA F 127 -10.77 37.73 9.50
CA ALA F 127 -11.46 37.48 10.75
C ALA F 127 -12.96 37.30 10.55
N THR F 128 -13.52 37.85 9.49
CA THR F 128 -14.95 37.70 9.23
C THR F 128 -15.20 37.24 7.79
N VAL F 129 -16.39 36.68 7.59
CA VAL F 129 -16.86 36.29 6.26
C VAL F 129 -17.01 37.50 5.33
N CYS F 130 -17.62 38.58 5.83
CA CYS F 130 -17.82 39.77 5.02
C CYS F 130 -16.48 40.32 4.50
N ALA F 131 -15.47 40.36 5.36
CA ALA F 131 -14.14 40.86 4.93
C ALA F 131 -13.58 40.07 3.75
N ALA F 132 -13.73 38.75 3.78
CA ALA F 132 -13.27 37.90 2.69
C ALA F 132 -13.99 38.24 1.40
N ILE F 133 -15.31 38.35 1.46
CA ILE F 133 -16.10 38.59 0.28
C ILE F 133 -15.79 39.99 -0.26
N ASP F 134 -15.66 40.94 0.65
CA ASP F 134 -15.40 42.34 0.32
C ASP F 134 -14.01 42.45 -0.36
N SER F 135 -13.02 41.80 0.26
CA SER F 135 -11.62 41.69 -0.24
C SER F 135 -11.55 41.11 -1.63
N ALA F 136 -12.23 39.98 -1.79
CA ALA F 136 -12.23 39.27 -3.04
C ALA F 136 -12.84 40.12 -4.16
N ASP F 137 -13.96 40.76 -3.87
CA ASP F 137 -14.62 41.59 -4.87
C ASP F 137 -13.69 42.69 -5.32
N ALA F 138 -13.11 43.40 -4.37
CA ALA F 138 -12.18 44.47 -4.69
C ALA F 138 -10.98 43.97 -5.53
N ALA F 139 -10.38 42.86 -5.11
CA ALA F 139 -9.25 42.28 -5.84
C ALA F 139 -9.64 41.84 -7.25
N LEU F 140 -10.78 41.18 -7.38
CA LEU F 140 -11.18 40.69 -8.68
C LEU F 140 -11.50 41.85 -9.66
N LYS F 141 -11.93 42.99 -9.11
CA LYS F 141 -12.24 44.14 -9.95
C LYS F 141 -11.01 44.96 -10.33
N THR F 142 -9.96 44.85 -9.50
CA THR F 142 -8.79 45.70 -9.66
C THR F 142 -7.68 45.03 -10.46
N ALA F 143 -7.49 43.72 -10.30
CA ALA F 143 -6.39 43.02 -10.97
C ALA F 143 -6.89 41.80 -11.73
N PRO F 144 -6.18 41.39 -12.79
CA PRO F 144 -6.62 40.23 -13.58
C PRO F 144 -6.28 38.92 -12.87
N VAL F 145 -6.97 38.66 -11.77
CA VAL F 145 -6.77 37.47 -10.96
C VAL F 145 -8.00 36.57 -11.01
N VAL F 146 -7.81 35.32 -10.60
CA VAL F 146 -8.87 34.31 -10.59
C VAL F 146 -9.05 33.75 -9.18
N LEU F 147 -10.28 33.79 -8.70
CA LEU F 147 -10.65 33.17 -7.43
C LEU F 147 -10.68 31.63 -7.56
N ARG F 148 -9.92 30.92 -6.73
CA ARG F 148 -9.82 29.45 -6.84
C ARG F 148 -10.42 28.68 -5.67
N ASP F 149 -10.02 29.06 -4.46
CA ASP F 149 -10.48 28.39 -3.24
C ASP F 149 -11.22 29.43 -2.38
N MET F 150 -12.24 28.98 -1.65
CA MET F 150 -12.84 29.84 -0.66
C MET F 150 -13.50 28.97 0.42
N ARG F 151 -13.42 29.43 1.66
CA ARG F 151 -14.13 28.79 2.76
C ARG F 151 -14.60 29.88 3.69
N LEU F 152 -15.92 29.95 3.89
CA LEU F 152 -16.51 30.94 4.76
C LEU F 152 -16.99 30.33 6.06
N ALA F 153 -16.28 30.64 7.13
CA ALA F 153 -16.63 30.31 8.52
C ALA F 153 -16.58 28.82 8.91
N ILE F 154 -17.23 27.97 8.15
CA ILE F 154 -17.50 26.62 8.64
C ILE F 154 -16.24 25.75 8.69
N GLY F 155 -16.04 25.19 9.88
CA GLY F 155 -14.90 24.31 10.15
C GLY F 155 -13.65 25.08 10.52
N ILE F 156 -13.73 26.41 10.47
CA ILE F 156 -12.58 27.25 10.80
C ILE F 156 -12.95 28.38 11.77
N ALA F 157 -13.88 28.06 12.66
CA ALA F 157 -14.21 28.90 13.80
C ALA F 157 -14.64 30.32 13.41
N GLY F 158 -15.37 30.46 12.31
CA GLY F 158 -15.90 31.75 11.94
C GLY F 158 -14.99 32.59 11.07
N LYS F 159 -13.72 32.15 10.92
CA LYS F 159 -12.82 32.82 9.98
C LYS F 159 -13.21 32.56 8.55
N ALA F 160 -12.50 33.19 7.63
CA ALA F 160 -12.70 32.96 6.21
C ALA F 160 -11.35 33.03 5.51
N PHE F 161 -11.22 32.31 4.41
CA PHE F 161 -10.06 32.49 3.56
C PHE F 161 -10.44 32.26 2.11
N PHE F 162 -9.61 32.77 1.23
CA PHE F 162 -9.76 32.52 -0.20
C PHE F 162 -8.39 32.63 -0.86
N THR F 163 -8.31 32.10 -2.07
CA THR F 163 -7.10 32.19 -2.84
C THR F 163 -7.37 32.84 -4.20
N LEU F 164 -6.37 33.60 -4.66
CA LEU F 164 -6.41 34.26 -5.95
C LEU F 164 -5.15 33.84 -6.71
N THR F 165 -5.31 33.45 -7.97
CA THR F 165 -4.17 33.14 -8.81
C THR F 165 -4.11 34.02 -10.03
N GLY F 166 -2.94 34.08 -10.62
CA GLY F 166 -2.69 34.93 -11.77
C GLY F 166 -1.21 35.12 -11.97
N GLU F 167 -0.87 36.08 -12.81
CA GLU F 167 0.53 36.45 -13.01
C GLU F 167 1.03 37.11 -11.72
N LEU F 168 2.32 37.00 -11.48
CA LEU F 168 2.91 37.46 -10.22
C LEU F 168 2.63 38.92 -9.91
N ALA F 169 2.84 39.82 -10.89
CA ALA F 169 2.58 41.22 -10.63
C ALA F 169 1.08 41.40 -10.34
N ASP F 170 0.23 40.61 -11.00
CA ASP F 170 -1.22 40.68 -10.79
C ASP F 170 -1.67 40.25 -9.38
N VAL F 171 -1.13 39.16 -8.84
CA VAL F 171 -1.57 38.73 -7.52
C VAL F 171 -0.93 39.67 -6.49
N GLU F 172 0.19 40.29 -6.85
CA GLU F 172 0.81 41.27 -5.95
C GLU F 172 -0.03 42.55 -5.85
N ALA F 173 -0.59 42.95 -6.97
CA ALA F 173 -1.46 44.10 -7.04
C ALA F 173 -2.74 43.82 -6.22
N ALA F 174 -3.32 42.65 -6.45
CA ALA F 174 -4.49 42.19 -5.69
C ALA F 174 -4.23 42.24 -4.20
N ALA F 175 -3.02 41.84 -3.79
CA ALA F 175 -2.68 41.80 -2.37
C ALA F 175 -2.77 43.17 -1.73
N GLU F 176 -2.27 44.18 -2.44
CA GLU F 176 -2.35 45.55 -1.96
C GLU F 176 -3.81 46.01 -1.79
N VAL F 177 -4.69 45.62 -2.72
CA VAL F 177 -6.10 45.99 -2.66
C VAL F 177 -6.79 45.30 -1.50
N VAL F 178 -6.44 44.03 -1.30
CA VAL F 178 -7.00 43.24 -0.21
C VAL F 178 -6.64 43.87 1.14
N ARG F 179 -5.37 44.19 1.32
CA ARG F 179 -4.92 44.83 2.55
C ARG F 179 -5.73 46.11 2.79
N GLU F 180 -5.91 46.91 1.73
CA GLU F 180 -6.62 48.17 1.87
C GLU F 180 -8.08 47.95 2.28
N ARG F 181 -8.76 47.04 1.58
CA ARG F 181 -10.16 46.77 1.84
C ARG F 181 -10.42 46.06 3.18
N CYS F 182 -9.56 45.12 3.56
CA CYS F 182 -9.75 44.38 4.81
C CYS F 182 -9.51 45.21 6.05
N GLY F 183 -8.52 46.09 6.00
CA GLY F 183 -8.07 46.78 7.19
C GLY F 183 -7.72 45.81 8.30
N ALA F 184 -8.20 46.11 9.50
CA ALA F 184 -7.85 45.34 10.68
C ALA F 184 -8.47 43.94 10.67
N ARG F 185 -9.35 43.67 9.71
CA ARG F 185 -9.98 42.36 9.57
C ARG F 185 -9.08 41.33 8.89
N LEU F 186 -7.98 41.80 8.27
CA LEU F 186 -7.01 40.88 7.69
C LEU F 186 -6.18 40.22 8.80
N LEU F 187 -6.17 38.90 8.83
CA LEU F 187 -5.37 38.17 9.80
C LEU F 187 -4.00 37.90 9.20
N GLU F 188 -3.99 37.43 7.96
CA GLU F 188 -2.76 37.05 7.29
C GLU F 188 -2.97 36.97 5.80
N LEU F 189 -1.95 37.42 5.06
CA LEU F 189 -1.93 37.29 3.62
C LEU F 189 -0.58 36.73 3.21
N ALA F 190 -0.59 35.68 2.38
CA ALA F 190 0.63 35.06 1.90
C ALA F 190 0.67 35.07 0.38
N CYS F 191 1.84 35.37 -0.16
CA CYS F 191 2.03 35.35 -1.59
C CYS F 191 3.08 34.32 -1.90
N ILE F 192 2.77 33.39 -2.80
CA ILE F 192 3.73 32.42 -3.23
C ILE F 192 3.88 32.49 -4.76
N ALA F 193 5.04 32.99 -5.22
CA ALA F 193 5.28 33.20 -6.65
C ALA F 193 5.35 31.90 -7.40
N ARG F 194 6.01 30.90 -6.81
CA ARG F 194 6.12 29.57 -7.42
C ARG F 194 5.89 28.48 -6.40
N PRO F 195 4.62 28.10 -6.19
CA PRO F 195 4.32 26.98 -5.29
C PRO F 195 4.98 25.69 -5.79
N VAL F 196 5.43 24.82 -4.88
CA VAL F 196 5.98 23.54 -5.32
C VAL F 196 4.93 22.82 -6.15
N ASP F 197 5.37 21.96 -7.06
CA ASP F 197 4.46 21.22 -7.90
C ASP F 197 3.45 20.41 -7.11
N GLU F 198 3.85 19.89 -5.95
CA GLU F 198 2.93 19.10 -5.14
C GLU F 198 1.76 19.96 -4.67
N LEU F 199 1.99 21.27 -4.57
CA LEU F 199 0.99 22.19 -4.07
C LEU F 199 0.13 22.86 -5.12
N ARG F 200 0.62 22.96 -6.35
CA ARG F 200 -0.10 23.66 -7.40
C ARG F 200 -1.45 22.97 -7.66
N GLY F 201 -2.55 23.72 -7.54
CA GLY F 201 -3.87 23.14 -7.69
C GLY F 201 -4.34 22.61 -6.34
N ARG F 202 -3.52 21.73 -5.79
CA ARG F 202 -3.71 21.12 -4.49
C ARG F 202 -3.09 21.95 -3.35
N LEU F 203 -3.80 22.94 -2.82
CA LEU F 203 -3.24 23.73 -1.72
C LEU F 203 -3.80 23.22 -0.40
N PHE F 204 -5.00 22.65 -0.45
CA PHE F 204 -5.67 22.15 0.74
C PHE F 204 -6.08 20.71 0.51
N PHE F 205 -5.60 19.79 1.36
CA PHE F 205 -5.97 18.39 1.22
C PHE F 205 -5.61 17.56 2.46
FE1 SF4 G . 16.08 -21.11 -12.58
FE2 SF4 G . 18.44 -21.15 -14.13
FE3 SF4 G . 18.04 -23.08 -12.13
FE4 SF4 G . 18.58 -20.37 -11.38
S1 SF4 G . 19.80 -21.84 -12.55
S2 SF4 G . 16.98 -21.77 -10.71
S3 SF4 G . 17.46 -19.49 -13.09
S4 SF4 G . 16.89 -22.61 -13.91
FE1 SF4 H . -17.60 23.01 16.05
FE2 SF4 H . -17.21 24.89 13.94
FE3 SF4 H . -15.10 23.21 14.68
FE4 SF4 H . -15.84 25.27 16.46
S1 SF4 H . -15.09 25.35 14.34
S2 SF4 H . -15.55 23.10 16.81
S3 SF4 H . -18.02 25.18 15.95
S4 SF4 H . -17.06 22.73 13.97
#